data_8T4O
#
_entry.id   8T4O
#
_cell.length_a   158.538
_cell.length_b   158.538
_cell.length_c   208.009
_cell.angle_alpha   90.00
_cell.angle_beta   90.00
_cell.angle_gamma   120.00
#
_symmetry.space_group_name_H-M   'P 65 2 2'
#
loop_
_entity.id
_entity.type
_entity.pdbx_description
1 polymer 'Serine hydroxymethyltransferase, mitochondrial'
2 non-polymer '4-[4-(2-amino-4-oxo-3,4-dihydro-5H-pyrrolo[3,2-d]pyrimidin-5-yl)butyl]-2-fluorobenzoic acid'
3 non-polymer N-GLYCINE-[3-HYDROXY-2-METHYL-5-PHOSPHONOOXYMETHYL-PYRIDIN-4-YL-METHANE]
4 water water
#
_entity_poly.entity_id   1
_entity_poly.type   'polypeptide(L)'
_entity_poly.pdbx_seq_one_letter_code
;MGSSHHHHHHSSGLVPRSNAAQTQTGEANRGWTGQESLSDSDPEMWELLQREKDRQCRGLELIASENFCSRAALEALGSC
LNNKYSEGYPGKRYYGGAEVVDEIELLCQRRALEAFDLDPAQWGVNVQPYSGSPANLAVYTALLQPHDRIMGLDLPDGGH
LTHGYMSDVKRISATSIFFESMPYKLNPKTGLIDYNQLALTARLFRPRLIIAGTSAYARLIDYARMREVCDEVKAHLLAD
MAHISGLVAAKVIPSPFKHADIVTTTTHKTLRGARSGLIFYRKGVKAVDPKTGREIPYTFEDRINFAVFPSLQGGPHNHA
IAAVAVALKQACTPMFREYSLQVLKNARAMADALLERGYSLVSGGTDNHLVLVDLRPKGLDGARAERVLELVSITANKNT
CPGDRSAITPGGLRLGAPALTSRQFREDDFRRVVDFIDEGVNIGLEVKSKTAKLQDFKSFLLKDSETSQRLANLRQRVEQ
FARAFPMPGFDEH
;
_entity_poly.pdbx_strand_id   A,B
#
loop_
_chem_comp.id
_chem_comp.type
_chem_comp.name
_chem_comp.formula
PLG non-polymer N-GLYCINE-[3-HYDROXY-2-METHYL-5-PHOSPHONOOXYMETHYL-PYRIDIN-4-YL-METHANE] 'C10 H15 N2 O7 P'
Y5C non-polymer '4-[4-(2-amino-4-oxo-3,4-dihydro-5H-pyrrolo[3,2-d]pyrimidin-5-yl)butyl]-2-fluorobenzoic acid' 'C17 H17 F N4 O3'
#
# COMPACT_ATOMS: atom_id res chain seq x y z
N TRP A 32 29.93 -4.38 -1.08
CA TRP A 32 28.52 -4.31 -0.72
C TRP A 32 27.73 -5.44 -1.37
N THR A 33 27.21 -6.35 -0.55
CA THR A 33 26.48 -7.51 -1.03
C THR A 33 24.97 -7.36 -0.91
N GLY A 34 24.49 -6.42 -0.12
CA GLY A 34 23.08 -6.35 0.19
C GLY A 34 22.60 -7.38 1.17
N GLN A 35 23.49 -8.23 1.69
CA GLN A 35 23.14 -9.25 2.67
C GLN A 35 23.54 -8.88 4.09
N GLU A 36 24.06 -7.67 4.29
CA GLU A 36 24.41 -7.21 5.62
C GLU A 36 23.17 -7.08 6.49
N SER A 37 23.32 -7.36 7.78
CA SER A 37 22.21 -7.24 8.70
C SER A 37 21.86 -5.77 8.93
N LEU A 38 20.66 -5.54 9.46
CA LEU A 38 20.23 -4.17 9.73
C LEU A 38 21.01 -3.57 10.89
N SER A 39 21.34 -4.38 11.90
CA SER A 39 22.08 -3.87 13.05
C SER A 39 23.46 -3.38 12.65
N ASP A 40 24.08 -4.01 11.65
CA ASP A 40 25.39 -3.60 11.17
C ASP A 40 25.29 -2.48 10.14
N SER A 41 24.40 -2.63 9.17
CA SER A 41 24.35 -1.69 8.04
C SER A 41 23.83 -0.33 8.48
N ASP A 42 22.68 -0.30 9.16
CA ASP A 42 22.01 0.94 9.56
C ASP A 42 21.76 0.89 11.06
N PRO A 43 22.76 1.22 11.88
CA PRO A 43 22.55 1.20 13.33
C PRO A 43 21.56 2.24 13.81
N GLU A 44 21.43 3.37 13.11
CA GLU A 44 20.46 4.39 13.51
C GLU A 44 19.04 3.86 13.41
N MET A 45 18.72 3.13 12.34
CA MET A 45 17.38 2.58 12.17
C MET A 45 17.16 1.34 13.01
N TRP A 46 18.20 0.52 13.21
CA TRP A 46 18.07 -0.68 14.03
C TRP A 46 17.66 -0.34 15.44
N GLU A 47 18.23 0.72 16.01
CA GLU A 47 17.86 1.12 17.37
C GLU A 47 16.43 1.66 17.40
N LEU A 48 16.04 2.45 16.40
CA LEU A 48 14.67 2.92 16.32
C LEU A 48 13.70 1.75 16.25
N LEU A 49 14.08 0.68 15.54
CA LEU A 49 13.26 -0.52 15.51
C LEU A 49 13.09 -1.10 16.91
N GLN A 50 14.20 -1.23 17.65
CA GLN A 50 14.14 -1.83 18.97
C GLN A 50 13.42 -0.92 19.97
N ARG A 51 13.47 0.39 19.77
CA ARG A 51 12.75 1.31 20.65
C ARG A 51 11.25 1.12 20.53
N GLU A 52 10.75 0.93 19.30
CA GLU A 52 9.33 0.65 19.11
C GLU A 52 8.95 -0.70 19.68
N LYS A 53 9.84 -1.70 19.52
CA LYS A 53 9.57 -3.03 20.06
C LYS A 53 9.40 -2.99 21.57
N ASP A 54 10.28 -2.23 22.25
CA ASP A 54 10.14 -2.09 23.70
C ASP A 54 8.87 -1.35 24.07
N ARG A 55 8.51 -0.32 23.30
CA ARG A 55 7.29 0.43 23.58
C ARG A 55 6.06 -0.46 23.46
N GLN A 56 6.05 -1.37 22.48
CA GLN A 56 4.92 -2.29 22.33
C GLN A 56 4.92 -3.33 23.44
N CYS A 57 6.10 -3.79 23.87
CA CYS A 57 6.17 -4.81 24.91
C CYS A 57 5.82 -4.25 26.29
N ARG A 58 6.15 -2.98 26.54
CA ARG A 58 5.96 -2.40 27.87
C ARG A 58 4.62 -1.70 28.03
N GLY A 59 3.93 -1.38 26.95
CA GLY A 59 2.69 -0.65 27.03
C GLY A 59 1.47 -1.55 27.03
N LEU A 60 0.34 -0.98 27.42
CA LEU A 60 -0.96 -1.64 27.35
C LEU A 60 -1.65 -1.13 26.10
N GLU A 61 -1.61 -1.94 25.04
CA GLU A 61 -2.13 -1.55 23.74
C GLU A 61 -3.64 -1.78 23.73
N LEU A 62 -4.40 -0.70 23.88
CA LEU A 62 -5.86 -0.77 23.90
C LEU A 62 -6.50 -0.18 22.65
N ILE A 63 -5.70 0.19 21.64
CA ILE A 63 -6.25 0.67 20.38
C ILE A 63 -7.02 -0.48 19.72
N ALA A 64 -8.32 -0.26 19.48
CA ALA A 64 -9.19 -1.34 19.03
C ALA A 64 -8.80 -1.86 17.65
N SER A 65 -8.09 -1.08 16.85
CA SER A 65 -7.73 -1.48 15.50
C SER A 65 -6.31 -2.03 15.41
N GLU A 66 -5.63 -2.20 16.53
CA GLU A 66 -4.25 -2.68 16.52
C GLU A 66 -4.16 -4.11 17.04
N ASN A 67 -3.22 -4.85 16.45
CA ASN A 67 -2.93 -6.21 16.88
C ASN A 67 -1.44 -6.46 16.67
N PHE A 68 -0.96 -7.56 17.20
CA PHE A 68 0.46 -7.93 17.11
C PHE A 68 0.59 -9.09 16.14
N CYS A 69 1.21 -8.81 14.99
CA CYS A 69 1.35 -9.80 13.94
C CYS A 69 2.34 -10.89 14.34
N SER A 70 2.05 -12.12 13.94
CA SER A 70 2.89 -13.26 14.27
C SER A 70 4.23 -13.17 13.55
N ARG A 71 5.23 -13.86 14.11
CA ARG A 71 6.54 -13.90 13.48
C ARG A 71 6.48 -14.61 12.13
N ALA A 72 5.63 -15.64 12.02
CA ALA A 72 5.52 -16.38 10.77
C ALA A 72 5.09 -15.47 9.62
N ALA A 73 4.08 -14.63 9.86
CA ALA A 73 3.64 -13.71 8.81
C ALA A 73 4.71 -12.66 8.52
N LEU A 74 5.37 -12.15 9.55
CA LEU A 74 6.38 -11.12 9.34
C LEU A 74 7.56 -11.64 8.53
N GLU A 75 7.88 -12.93 8.68
CA GLU A 75 8.91 -13.53 7.83
C GLU A 75 8.53 -13.44 6.36
N ALA A 76 7.26 -13.68 6.04
CA ALA A 76 6.80 -13.53 4.67
C ALA A 76 6.74 -12.06 4.27
N LEU A 77 6.37 -11.19 5.22
CA LEU A 77 6.24 -9.77 4.91
C LEU A 77 7.59 -9.17 4.53
N GLY A 78 8.65 -9.59 5.19
CA GLY A 78 9.99 -9.11 4.86
C GLY A 78 10.79 -10.14 4.11
N SER A 79 10.26 -10.62 2.99
CA SER A 79 10.89 -11.66 2.20
C SER A 79 11.30 -11.11 0.83
N CYS A 80 11.73 -12.01 -0.05
CA CYS A 80 12.10 -11.64 -1.40
C CYS A 80 10.90 -11.43 -2.31
N LEU A 81 9.69 -11.65 -1.81
CA LEU A 81 8.49 -11.38 -2.61
C LEU A 81 8.29 -9.89 -2.84
N ASN A 82 8.99 -9.05 -2.08
CA ASN A 82 9.01 -7.61 -2.36
C ASN A 82 9.60 -7.30 -3.72
N ASN A 83 10.39 -8.22 -4.29
CA ASN A 83 11.14 -7.97 -5.51
C ASN A 83 10.36 -8.27 -6.78
N LYS A 84 9.24 -8.98 -6.70
CA LYS A 84 8.55 -9.49 -7.87
C LYS A 84 7.43 -8.55 -8.29
N TYR A 85 7.54 -7.99 -9.49
CA TYR A 85 6.45 -7.25 -10.11
C TYR A 85 5.54 -8.25 -10.83
N SER A 86 4.29 -8.33 -10.40
CA SER A 86 3.34 -9.27 -10.97
C SER A 86 2.00 -8.55 -11.25
N GLU A 87 2.07 -7.46 -12.00
CA GLU A 87 0.86 -6.73 -12.37
C GLU A 87 -0.07 -7.62 -13.18
N GLY A 88 -1.32 -7.70 -12.75
CA GLY A 88 -2.29 -8.61 -13.32
C GLY A 88 -2.87 -9.54 -12.27
N TYR A 89 -3.19 -10.75 -12.69
CA TYR A 89 -3.81 -11.75 -11.84
C TYR A 89 -3.27 -13.11 -12.21
N PRO A 90 -3.40 -14.11 -11.33
CA PRO A 90 -2.85 -15.44 -11.63
C PRO A 90 -3.32 -15.98 -12.97
N GLY A 91 -2.37 -16.38 -13.81
CA GLY A 91 -2.68 -16.83 -15.14
C GLY A 91 -2.83 -15.68 -16.12
N LYS A 92 -3.36 -14.56 -15.65
CA LYS A 92 -3.58 -13.38 -16.48
C LYS A 92 -2.58 -12.29 -16.13
N ARG A 93 -1.30 -12.63 -16.02
CA ARG A 93 -0.27 -11.66 -15.72
C ARG A 93 0.17 -10.94 -16.98
N TYR A 94 0.43 -9.64 -16.86
CA TYR A 94 0.86 -8.88 -18.02
C TYR A 94 2.29 -9.20 -18.41
N TYR A 95 3.14 -9.57 -17.45
CA TYR A 95 4.54 -9.87 -17.68
C TYR A 95 4.73 -11.39 -17.52
N GLY A 96 5.95 -11.80 -17.15
CA GLY A 96 6.24 -13.22 -17.01
C GLY A 96 7.09 -13.49 -15.77
N GLY A 97 7.30 -14.78 -15.52
CA GLY A 97 8.09 -15.20 -14.38
C GLY A 97 7.34 -15.25 -13.07
N ALA A 98 6.03 -15.04 -13.07
CA ALA A 98 5.21 -15.11 -11.87
C ALA A 98 4.72 -16.52 -11.58
N GLU A 99 5.58 -17.52 -11.77
CA GLU A 99 5.14 -18.92 -11.63
C GLU A 99 4.68 -19.21 -10.21
N VAL A 100 5.53 -18.93 -9.22
CA VAL A 100 5.17 -19.21 -7.84
C VAL A 100 4.34 -18.09 -7.22
N VAL A 101 4.52 -16.85 -7.67
CA VAL A 101 3.70 -15.75 -7.18
C VAL A 101 2.23 -16.00 -7.51
N ASP A 102 1.97 -16.58 -8.69
CA ASP A 102 0.62 -17.01 -9.01
C ASP A 102 0.14 -18.08 -8.03
N GLU A 103 1.02 -18.98 -7.63
CA GLU A 103 0.66 -20.00 -6.64
C GLU A 103 0.39 -19.36 -5.29
N ILE A 104 1.17 -18.33 -4.94
CA ILE A 104 1.00 -17.67 -3.64
C ILE A 104 -0.31 -16.90 -3.61
N GLU A 105 -0.59 -16.13 -4.66
CA GLU A 105 -1.84 -15.36 -4.69
C GLU A 105 -3.05 -16.29 -4.74
N LEU A 106 -2.96 -17.39 -5.49
CA LEU A 106 -4.05 -18.35 -5.52
C LEU A 106 -4.23 -19.02 -4.17
N LEU A 107 -3.12 -19.29 -3.47
CA LEU A 107 -3.21 -19.87 -2.13
C LEU A 107 -3.82 -18.89 -1.14
N CYS A 108 -3.47 -17.60 -1.26
CA CYS A 108 -4.06 -16.59 -0.39
C CYS A 108 -5.57 -16.51 -0.61
N GLN A 109 -6.01 -16.64 -1.86
CA GLN A 109 -7.44 -16.59 -2.14
C GLN A 109 -8.17 -17.81 -1.56
N ARG A 110 -7.59 -19.00 -1.76
CA ARG A 110 -8.22 -20.22 -1.23
C ARG A 110 -8.32 -20.17 0.28
N ARG A 111 -7.29 -19.66 0.95
CA ARG A 111 -7.35 -19.52 2.41
C ARG A 111 -8.29 -18.41 2.83
N ALA A 112 -8.44 -17.37 2.00
CA ALA A 112 -9.35 -16.29 2.34
C ALA A 112 -10.80 -16.76 2.34
N LEU A 113 -11.18 -17.58 1.36
CA LEU A 113 -12.55 -18.09 1.33
C LEU A 113 -12.74 -19.16 2.40
N GLU A 114 -11.71 -19.98 2.65
CA GLU A 114 -11.81 -20.98 3.70
C GLU A 114 -11.93 -20.34 5.07
N ALA A 115 -11.20 -19.24 5.31
CA ALA A 115 -11.24 -18.57 6.60
C ALA A 115 -12.62 -18.03 6.93
N PHE A 116 -13.48 -17.81 5.93
CA PHE A 116 -14.82 -17.28 6.15
C PHE A 116 -15.90 -18.25 5.69
N ASP A 117 -15.54 -19.52 5.49
CA ASP A 117 -16.49 -20.58 5.15
C ASP A 117 -17.29 -20.23 3.90
N LEU A 118 -16.59 -19.79 2.86
CA LEU A 118 -17.20 -19.31 1.63
C LEU A 118 -17.06 -20.35 0.54
N ASP A 119 -18.15 -20.61 -0.16
CA ASP A 119 -18.13 -21.52 -1.31
C ASP A 119 -17.37 -20.86 -2.46
N PRO A 120 -16.30 -21.47 -2.96
CA PRO A 120 -15.60 -20.87 -4.11
C PRO A 120 -16.47 -20.69 -5.34
N ALA A 121 -17.59 -21.41 -5.45
CA ALA A 121 -18.52 -21.21 -6.56
C ALA A 121 -19.47 -20.04 -6.33
N GLN A 122 -19.57 -19.54 -5.10
CA GLN A 122 -20.45 -18.41 -4.79
C GLN A 122 -19.69 -17.16 -4.38
N TRP A 123 -18.38 -17.25 -4.15
CA TRP A 123 -17.61 -16.11 -3.67
C TRP A 123 -16.23 -16.09 -4.31
N GLY A 124 -15.78 -14.90 -4.69
CA GLY A 124 -14.42 -14.68 -5.09
C GLY A 124 -13.79 -13.63 -4.19
N VAL A 125 -12.46 -13.52 -4.20
CA VAL A 125 -11.77 -12.58 -3.32
C VAL A 125 -10.59 -11.98 -4.07
N ASN A 126 -10.41 -10.68 -3.91
CA ASN A 126 -9.23 -9.96 -4.40
C ASN A 126 -8.30 -9.71 -3.23
N VAL A 127 -7.06 -10.15 -3.36
CA VAL A 127 -6.09 -10.10 -2.27
C VAL A 127 -5.02 -9.03 -2.51
N GLN A 128 -5.20 -8.18 -3.52
CA GLN A 128 -4.23 -7.16 -3.88
C GLN A 128 -4.41 -5.77 -3.23
N PRO A 129 -5.57 -5.41 -2.66
CA PRO A 129 -5.67 -4.09 -2.02
C PRO A 129 -4.55 -3.82 -1.04
N TYR A 130 -3.85 -2.70 -1.25
CA TYR A 130 -2.71 -2.35 -0.41
C TYR A 130 -3.10 -2.21 1.06
N SER A 131 -4.32 -1.75 1.32
CA SER A 131 -4.81 -1.62 2.69
C SER A 131 -6.33 -1.61 2.66
N GLY A 132 -6.95 -1.25 3.77
CA GLY A 132 -8.40 -1.23 3.83
C GLY A 132 -8.99 -0.07 3.07
N SER A 133 -8.36 1.10 3.15
CA SER A 133 -8.84 2.26 2.39
C SER A 133 -8.78 2.04 0.89
N PRO A 134 -7.71 1.51 0.29
CA PRO A 134 -7.78 1.18 -1.14
C PRO A 134 -8.84 0.14 -1.46
N ALA A 135 -9.08 -0.81 -0.56
CA ALA A 135 -10.10 -1.82 -0.83
C ALA A 135 -11.48 -1.18 -0.98
N ASN A 136 -11.79 -0.18 -0.15
CA ASN A 136 -13.08 0.48 -0.24
C ASN A 136 -13.17 1.36 -1.49
N LEU A 137 -12.08 2.05 -1.83
CA LEU A 137 -12.10 2.87 -3.03
C LEU A 137 -12.22 2.03 -4.29
N ALA A 138 -11.67 0.80 -4.27
CA ALA A 138 -11.79 -0.07 -5.43
C ALA A 138 -13.22 -0.53 -5.63
N VAL A 139 -13.96 -0.76 -4.54
CA VAL A 139 -15.35 -1.17 -4.65
C VAL A 139 -16.19 -0.04 -5.25
N TYR A 140 -15.95 1.20 -4.83
CA TYR A 140 -16.71 2.32 -5.38
C TYR A 140 -16.37 2.54 -6.84
N THR A 141 -15.09 2.50 -7.18
CA THR A 141 -14.68 2.72 -8.57
C THR A 141 -15.20 1.60 -9.48
N ALA A 142 -15.33 0.39 -8.95
CA ALA A 142 -15.81 -0.72 -9.75
C ALA A 142 -17.30 -0.63 -10.01
N LEU A 143 -18.08 -0.36 -8.96
CA LEU A 143 -19.53 -0.46 -9.02
C LEU A 143 -20.22 0.85 -9.38
N LEU A 144 -19.62 1.99 -9.03
CA LEU A 144 -20.28 3.28 -9.17
C LEU A 144 -19.55 4.16 -10.16
N GLN A 145 -20.32 5.02 -10.83
CA GLN A 145 -19.76 6.09 -11.63
C GLN A 145 -19.35 7.25 -10.72
N PRO A 146 -18.42 8.10 -11.17
CA PRO A 146 -18.10 9.30 -10.38
C PRO A 146 -19.36 10.08 -10.04
N HIS A 147 -19.39 10.58 -8.81
CA HIS A 147 -20.47 11.36 -8.22
C HIS A 147 -21.72 10.53 -7.93
N ASP A 148 -21.69 9.22 -8.14
CA ASP A 148 -22.77 8.38 -7.65
C ASP A 148 -22.82 8.44 -6.13
N ARG A 149 -23.95 8.03 -5.58
CA ARG A 149 -24.27 8.35 -4.19
C ARG A 149 -23.96 7.19 -3.24
N ILE A 150 -23.36 7.54 -2.12
CA ILE A 150 -22.81 6.60 -1.15
C ILE A 150 -23.38 6.94 0.22
N MET A 151 -23.75 5.91 0.98
CA MET A 151 -24.26 6.12 2.34
C MET A 151 -23.48 5.23 3.31
N GLY A 152 -22.81 5.86 4.27
CA GLY A 152 -22.15 5.14 5.34
C GLY A 152 -22.47 5.79 6.68
N LEU A 153 -22.12 5.09 7.75
CA LEU A 153 -22.31 5.67 9.07
C LEU A 153 -21.35 6.84 9.27
N ASP A 154 -21.88 7.94 9.79
CA ASP A 154 -21.07 9.15 9.96
C ASP A 154 -19.85 8.86 10.81
N LEU A 155 -18.75 9.56 10.50
CA LEU A 155 -17.50 9.35 11.23
C LEU A 155 -17.65 9.58 12.73
N PRO A 156 -18.16 10.72 13.21
CA PRO A 156 -18.32 10.87 14.66
C PRO A 156 -19.29 9.87 15.27
N ASP A 157 -20.13 9.23 14.46
CA ASP A 157 -21.07 8.23 14.94
C ASP A 157 -20.48 6.83 14.96
N GLY A 158 -19.25 6.66 14.48
CA GLY A 158 -18.60 5.35 14.46
C GLY A 158 -18.19 4.86 13.10
N GLY A 159 -18.47 5.58 12.01
CA GLY A 159 -18.06 5.14 10.70
C GLY A 159 -16.65 5.56 10.35
N HIS A 160 -16.11 4.93 9.31
CA HIS A 160 -14.75 5.19 8.87
C HIS A 160 -14.71 6.30 7.83
N LEU A 161 -13.52 6.90 7.66
CA LEU A 161 -13.32 7.93 6.65
C LEU A 161 -13.77 7.46 5.27
N THR A 162 -13.33 6.28 4.87
CA THR A 162 -13.60 5.75 3.53
C THR A 162 -15.06 5.41 3.30
N HIS A 163 -15.92 5.56 4.29
CA HIS A 163 -17.36 5.41 4.11
C HIS A 163 -18.02 6.70 3.65
N GLY A 164 -17.23 7.66 3.17
CA GLY A 164 -17.74 8.96 2.79
C GLY A 164 -17.88 9.87 3.98
N TYR A 165 -16.95 10.80 4.16
CA TYR A 165 -17.03 11.75 5.25
C TYR A 165 -16.70 13.15 4.73
N MET A 166 -17.63 14.08 4.93
CA MET A 166 -17.38 15.50 4.72
C MET A 166 -17.75 16.24 5.99
N SER A 167 -16.94 17.22 6.34
CA SER A 167 -17.31 18.14 7.40
C SER A 167 -18.33 19.15 6.85
N ASP A 168 -18.77 20.05 7.71
CA ASP A 168 -19.66 21.12 7.24
C ASP A 168 -18.91 22.21 6.48
N VAL A 169 -17.60 22.06 6.30
CA VAL A 169 -16.80 23.07 5.60
C VAL A 169 -15.96 22.50 4.47
N LYS A 170 -15.71 21.20 4.41
CA LYS A 170 -14.73 20.67 3.47
C LYS A 170 -15.03 19.20 3.18
N ARG A 171 -14.86 18.81 1.92
CA ARG A 171 -14.83 17.39 1.57
C ARG A 171 -13.50 16.81 2.03
N ILE A 172 -13.55 15.90 3.00
CA ILE A 172 -12.34 15.41 3.65
C ILE A 172 -11.89 14.10 3.00
N SER A 173 -12.75 13.09 3.03
CA SER A 173 -12.41 11.81 2.43
C SER A 173 -12.53 11.88 0.91
N ALA A 174 -11.61 11.20 0.22
CA ALA A 174 -11.70 11.13 -1.23
C ALA A 174 -12.98 10.44 -1.69
N THR A 175 -13.54 9.59 -0.83
CA THR A 175 -14.84 8.98 -1.11
C THR A 175 -15.93 10.04 -1.19
N SER A 176 -15.69 11.24 -0.67
CA SER A 176 -16.63 12.35 -0.74
C SER A 176 -16.27 13.33 -1.86
N ILE A 177 -15.15 13.12 -2.54
CA ILE A 177 -14.74 13.97 -3.65
C ILE A 177 -15.14 13.36 -4.99
N PHE A 178 -14.87 12.06 -5.17
CA PHE A 178 -15.22 11.36 -6.38
C PHE A 178 -16.63 10.80 -6.36
N PHE A 179 -17.25 10.73 -5.19
CA PHE A 179 -18.62 10.26 -5.05
C PHE A 179 -19.36 11.16 -4.07
N GLU A 180 -20.68 11.12 -4.12
CA GLU A 180 -21.53 11.94 -3.27
C GLU A 180 -21.96 11.11 -2.07
N SER A 181 -21.47 11.47 -0.89
CA SER A 181 -21.79 10.72 0.31
C SER A 181 -22.82 11.47 1.15
N MET A 182 -23.73 10.71 1.75
CA MET A 182 -24.62 11.22 2.79
C MET A 182 -24.60 10.22 3.93
N PRO A 183 -24.34 10.66 5.16
CA PRO A 183 -24.22 9.73 6.28
C PRO A 183 -25.55 9.41 6.94
N TYR A 184 -25.61 8.22 7.53
CA TYR A 184 -26.66 7.89 8.48
C TYR A 184 -26.07 7.90 9.88
N LYS A 185 -26.95 7.99 10.88
CA LYS A 185 -26.54 8.35 12.22
C LYS A 185 -27.04 7.33 13.23
N LEU A 186 -26.41 7.33 14.40
CA LEU A 186 -26.89 6.55 15.53
C LEU A 186 -28.16 7.18 16.11
N ASN A 187 -28.93 6.36 16.80
CA ASN A 187 -29.96 6.89 17.68
C ASN A 187 -29.30 7.27 19.00
N PRO A 188 -29.16 8.56 19.30
CA PRO A 188 -28.45 8.96 20.53
C PRO A 188 -29.08 8.41 21.80
N LYS A 189 -30.37 8.07 21.77
CA LYS A 189 -31.02 7.51 22.95
C LYS A 189 -30.46 6.14 23.31
N THR A 190 -30.10 5.35 22.30
CA THR A 190 -29.66 3.97 22.52
C THR A 190 -28.22 3.72 22.11
N GLY A 191 -27.58 4.63 21.39
CA GLY A 191 -26.24 4.38 20.89
C GLY A 191 -26.15 3.41 19.73
N LEU A 192 -27.27 2.86 19.28
CA LEU A 192 -27.28 1.92 18.17
C LEU A 192 -27.53 2.64 16.85
N ILE A 193 -27.26 1.93 15.75
CA ILE A 193 -27.56 2.46 14.43
C ILE A 193 -29.07 2.67 14.29
N ASP A 194 -29.45 3.85 13.80
CA ASP A 194 -30.86 4.16 13.55
C ASP A 194 -31.23 3.58 12.18
N TYR A 195 -31.53 2.28 12.18
CA TYR A 195 -31.92 1.62 10.93
C TYR A 195 -33.20 2.22 10.37
N ASN A 196 -34.06 2.78 11.22
CA ASN A 196 -35.29 3.39 10.73
C ASN A 196 -35.00 4.67 9.95
N GLN A 197 -34.22 5.59 10.53
CA GLN A 197 -33.90 6.82 9.84
C GLN A 197 -33.05 6.57 8.60
N LEU A 198 -32.23 5.51 8.62
CA LEU A 198 -31.50 5.13 7.42
C LEU A 198 -32.46 4.74 6.31
N ALA A 199 -33.47 3.94 6.63
CA ALA A 199 -34.47 3.58 5.64
C ALA A 199 -35.22 4.80 5.13
N LEU A 200 -35.49 5.75 6.03
CA LEU A 200 -36.20 6.97 5.65
C LEU A 200 -35.37 7.82 4.70
N THR A 201 -34.08 8.01 5.02
CA THR A 201 -33.24 8.89 4.22
C THR A 201 -32.73 8.20 2.96
N ALA A 202 -32.61 6.87 2.96
CA ALA A 202 -32.22 6.17 1.75
C ALA A 202 -33.29 6.29 0.66
N ARG A 203 -34.57 6.30 1.04
CA ARG A 203 -35.62 6.48 0.05
C ARG A 203 -35.56 7.86 -0.60
N LEU A 204 -35.12 8.87 0.14
CA LEU A 204 -35.00 10.21 -0.42
C LEU A 204 -33.67 10.40 -1.13
N PHE A 205 -32.57 9.98 -0.50
CA PHE A 205 -31.25 10.16 -1.09
C PHE A 205 -31.03 9.23 -2.28
N ARG A 206 -31.69 8.07 -2.27
CA ARG A 206 -31.57 7.05 -3.32
C ARG A 206 -30.11 6.72 -3.59
N PRO A 207 -29.39 6.14 -2.63
CA PRO A 207 -27.99 5.78 -2.87
C PRO A 207 -27.86 4.53 -3.73
N ARG A 208 -26.77 4.47 -4.49
CA ARG A 208 -26.46 3.30 -5.27
C ARG A 208 -25.67 2.26 -4.48
N LEU A 209 -25.03 2.66 -3.39
CA LEU A 209 -24.31 1.73 -2.51
C LEU A 209 -24.41 2.23 -1.08
N ILE A 210 -24.71 1.32 -0.15
CA ILE A 210 -24.77 1.61 1.27
C ILE A 210 -23.74 0.75 1.98
N ILE A 211 -22.94 1.36 2.85
CA ILE A 211 -21.86 0.67 3.54
C ILE A 211 -22.34 0.25 4.93
N ALA A 212 -22.20 -1.03 5.24
CA ALA A 212 -22.44 -1.57 6.57
C ALA A 212 -21.08 -1.94 7.16
N GLY A 213 -20.63 -1.16 8.15
CA GLY A 213 -19.33 -1.39 8.74
C GLY A 213 -18.90 -0.20 9.59
N THR A 214 -18.22 -0.45 10.70
CA THR A 214 -17.92 0.58 11.67
C THR A 214 -16.46 0.54 12.09
N SER A 215 -16.01 1.66 12.65
CA SER A 215 -14.72 1.77 13.30
C SER A 215 -14.83 1.87 14.81
N ALA A 216 -15.91 2.46 15.33
CA ALA A 216 -16.14 2.62 16.77
C ALA A 216 -17.61 2.31 17.04
N TYR A 217 -17.91 1.03 17.23
CA TYR A 217 -19.28 0.57 17.46
C TYR A 217 -19.20 -0.74 18.22
N ALA A 218 -19.74 -0.77 19.43
CA ALA A 218 -19.60 -1.91 20.32
C ALA A 218 -20.65 -2.99 20.07
N ARG A 219 -21.54 -2.80 19.11
CA ARG A 219 -22.66 -3.71 18.92
C ARG A 219 -22.62 -4.35 17.53
N LEU A 220 -23.47 -5.35 17.34
CA LEU A 220 -23.54 -6.10 16.09
C LEU A 220 -24.46 -5.39 15.11
N ILE A 221 -24.00 -5.25 13.87
CA ILE A 221 -24.77 -4.58 12.84
C ILE A 221 -25.86 -5.51 12.33
N ASP A 222 -27.07 -4.97 12.18
CA ASP A 222 -28.20 -5.71 11.63
C ASP A 222 -28.06 -5.75 10.11
N TYR A 223 -27.25 -6.71 9.63
CA TYR A 223 -27.00 -6.81 8.20
C TYR A 223 -28.26 -7.17 7.43
N ALA A 224 -29.17 -7.93 8.03
CA ALA A 224 -30.43 -8.23 7.37
C ALA A 224 -31.25 -6.97 7.12
N ARG A 225 -31.33 -6.09 8.13
CA ARG A 225 -32.06 -4.84 7.97
C ARG A 225 -31.39 -3.94 6.94
N MET A 226 -30.06 -3.88 6.95
CA MET A 226 -29.34 -3.14 5.92
C MET A 226 -29.65 -3.70 4.54
N ARG A 227 -29.73 -5.02 4.42
CA ARG A 227 -30.01 -5.64 3.14
C ARG A 227 -31.38 -5.26 2.62
N GLU A 228 -32.39 -5.24 3.51
CA GLU A 228 -33.74 -4.87 3.08
C GLU A 228 -33.79 -3.43 2.61
N VAL A 229 -33.08 -2.53 3.30
CA VAL A 229 -33.03 -1.14 2.87
C VAL A 229 -32.35 -1.03 1.51
N CYS A 230 -31.31 -1.80 1.27
CA CYS A 230 -30.63 -1.76 -0.02
C CYS A 230 -31.49 -2.36 -1.12
N ASP A 231 -32.20 -3.45 -0.82
CA ASP A 231 -33.08 -4.05 -1.82
C ASP A 231 -34.19 -3.09 -2.21
N GLU A 232 -34.71 -2.32 -1.25
CA GLU A 232 -35.82 -1.43 -1.52
C GLU A 232 -35.40 -0.28 -2.44
N VAL A 233 -34.24 0.32 -2.19
CA VAL A 233 -33.78 1.47 -2.96
C VAL A 233 -32.83 1.06 -4.09
N LYS A 234 -32.73 -0.24 -4.38
CA LYS A 234 -31.91 -0.77 -5.47
C LYS A 234 -30.44 -0.34 -5.31
N ALA A 235 -29.89 -0.68 -4.15
CA ALA A 235 -28.52 -0.32 -3.81
C ALA A 235 -27.71 -1.57 -3.46
N HIS A 236 -26.42 -1.51 -3.76
CA HIS A 236 -25.50 -2.56 -3.32
C HIS A 236 -25.24 -2.42 -1.82
N LEU A 237 -25.22 -3.55 -1.12
CA LEU A 237 -24.84 -3.58 0.29
C LEU A 237 -23.38 -3.98 0.38
N LEU A 238 -22.55 -3.04 0.83
CA LEU A 238 -21.14 -3.31 1.06
C LEU A 238 -20.91 -3.45 2.56
N ALA A 239 -20.41 -4.61 2.98
CA ALA A 239 -20.05 -4.85 4.37
C ALA A 239 -18.55 -4.65 4.52
N ASP A 240 -18.17 -3.70 5.35
CA ASP A 240 -16.76 -3.45 5.65
C ASP A 240 -16.51 -3.93 7.07
N MET A 241 -16.07 -5.18 7.19
CA MET A 241 -15.89 -5.86 8.47
C MET A 241 -14.46 -5.74 8.99
N ALA A 242 -13.78 -4.62 8.72
CA ALA A 242 -12.36 -4.52 9.03
C ALA A 242 -12.09 -4.75 10.52
N HIS A 243 -12.93 -4.18 11.38
CA HIS A 243 -12.69 -4.29 12.82
C HIS A 243 -13.07 -5.66 13.37
N ILE A 244 -14.03 -6.34 12.73
CA ILE A 244 -14.59 -7.57 13.28
C ILE A 244 -14.26 -8.77 12.41
N SER A 245 -13.34 -8.63 11.46
CA SER A 245 -13.07 -9.71 10.51
C SER A 245 -12.63 -10.99 11.22
N GLY A 246 -11.70 -10.86 12.17
CA GLY A 246 -11.25 -12.03 12.91
C GLY A 246 -12.38 -12.72 13.65
N LEU A 247 -13.27 -11.93 14.25
CA LEU A 247 -14.43 -12.50 14.92
C LEU A 247 -15.33 -13.22 13.91
N VAL A 248 -15.53 -12.63 12.74
CA VAL A 248 -16.35 -13.26 11.70
C VAL A 248 -15.72 -14.56 11.26
N ALA A 249 -14.40 -14.58 11.08
CA ALA A 249 -13.72 -15.80 10.64
C ALA A 249 -13.85 -16.92 11.66
N ALA A 250 -13.84 -16.58 12.95
CA ALA A 250 -13.94 -17.59 13.99
C ALA A 250 -15.37 -17.99 14.29
N LYS A 251 -16.35 -17.42 13.59
CA LYS A 251 -17.76 -17.76 13.79
C LYS A 251 -18.19 -17.51 15.23
N VAL A 252 -17.69 -16.43 15.83
CA VAL A 252 -18.12 -16.02 17.16
C VAL A 252 -19.14 -14.90 17.12
N ILE A 253 -19.31 -14.24 15.98
CA ILE A 253 -20.40 -13.28 15.76
C ILE A 253 -21.01 -13.58 14.41
N PRO A 254 -22.24 -13.13 14.16
CA PRO A 254 -22.87 -13.36 12.86
C PRO A 254 -22.02 -12.82 11.72
N SER A 255 -22.01 -13.56 10.61
CA SER A 255 -21.21 -13.24 9.45
C SER A 255 -21.96 -12.30 8.51
N PRO A 256 -21.37 -11.17 8.10
CA PRO A 256 -22.04 -10.31 7.12
C PRO A 256 -22.12 -10.93 5.73
N PHE A 257 -21.44 -12.04 5.48
CA PHE A 257 -21.50 -12.68 4.17
C PHE A 257 -22.86 -13.27 3.87
N LYS A 258 -23.67 -13.54 4.90
CA LYS A 258 -25.01 -14.04 4.69
C LYS A 258 -25.99 -12.98 4.23
N HIS A 259 -25.55 -11.71 4.10
CA HIS A 259 -26.45 -10.64 3.72
C HIS A 259 -25.83 -9.62 2.76
N ALA A 260 -24.52 -9.61 2.57
CA ALA A 260 -23.86 -8.61 1.73
C ALA A 260 -23.45 -9.21 0.40
N ASP A 261 -23.46 -8.37 -0.63
CA ASP A 261 -22.94 -8.74 -1.94
C ASP A 261 -21.44 -8.50 -2.05
N ILE A 262 -20.95 -7.41 -1.47
CA ILE A 262 -19.54 -7.08 -1.42
C ILE A 262 -19.12 -6.99 0.04
N VAL A 263 -17.98 -7.60 0.37
CA VAL A 263 -17.41 -7.53 1.70
C VAL A 263 -15.95 -7.13 1.57
N THR A 264 -15.57 -6.07 2.27
CA THR A 264 -14.17 -5.65 2.34
C THR A 264 -13.70 -5.72 3.78
N THR A 265 -12.38 -5.84 3.94
CA THR A 265 -11.80 -5.90 5.27
C THR A 265 -10.32 -5.57 5.18
N THR A 266 -9.79 -5.06 6.29
CA THR A 266 -8.35 -5.05 6.48
C THR A 266 -7.89 -6.45 6.86
N THR A 267 -6.60 -6.72 6.66
CA THR A 267 -6.02 -7.99 7.03
C THR A 267 -5.31 -7.95 8.37
N HIS A 268 -5.07 -6.76 8.92
CA HIS A 268 -4.61 -6.63 10.29
C HIS A 268 -5.82 -6.60 11.21
N LYS A 269 -5.70 -5.91 12.34
CA LYS A 269 -6.77 -5.80 13.35
C LYS A 269 -7.07 -7.21 13.85
N THR A 270 -8.35 -7.62 13.95
CA THR A 270 -8.68 -8.89 14.57
C THR A 270 -8.20 -10.09 13.76
N LEU A 271 -7.90 -9.92 12.48
CA LEU A 271 -7.31 -11.01 11.70
C LEU A 271 -5.83 -11.20 12.00
N ARG A 272 -5.18 -10.22 12.60
CA ARG A 272 -3.84 -10.37 13.18
C ARG A 272 -2.78 -10.68 12.11
N GLY A 273 -2.94 -10.09 10.93
CA GLY A 273 -2.02 -10.27 9.84
C GLY A 273 -1.24 -9.01 9.51
N ALA A 274 -0.54 -9.07 8.38
CA ALA A 274 0.13 -7.89 7.87
C ALA A 274 -0.90 -6.88 7.36
N ARG A 275 -0.43 -5.67 7.09
CA ARG A 275 -1.30 -4.60 6.63
C ARG A 275 -1.56 -4.78 5.14
N SER A 276 -2.82 -5.09 4.81
CA SER A 276 -3.24 -5.30 3.44
C SER A 276 -4.77 -5.25 3.44
N GLY A 277 -5.36 -5.53 2.27
CA GLY A 277 -6.80 -5.47 2.14
C GLY A 277 -7.35 -6.66 1.37
N LEU A 278 -8.64 -6.89 1.58
CA LEU A 278 -9.36 -7.96 0.89
C LEU A 278 -10.70 -7.44 0.41
N ILE A 279 -11.12 -7.90 -0.76
CA ILE A 279 -12.44 -7.58 -1.31
C ILE A 279 -13.11 -8.90 -1.67
N PHE A 280 -14.10 -9.29 -0.89
CA PHE A 280 -14.91 -10.45 -1.21
C PHE A 280 -16.13 -10.00 -2.01
N TYR A 281 -16.48 -10.78 -3.03
CA TYR A 281 -17.59 -10.42 -3.90
C TYR A 281 -18.36 -11.67 -4.28
N ARG A 282 -19.61 -11.47 -4.69
CA ARG A 282 -20.48 -12.56 -5.08
C ARG A 282 -20.14 -13.05 -6.49
N LYS A 283 -20.30 -14.36 -6.69
CA LYS A 283 -20.02 -15.00 -7.96
C LYS A 283 -21.19 -15.90 -8.33
N GLY A 284 -21.14 -16.42 -9.56
CA GLY A 284 -22.15 -17.35 -10.03
C GLY A 284 -23.41 -16.68 -10.53
N VAL A 285 -24.56 -17.27 -10.22
CA VAL A 285 -25.85 -16.78 -10.69
C VAL A 285 -26.51 -16.00 -9.56
N LYS A 286 -27.04 -14.81 -9.87
CA LYS A 286 -27.76 -14.03 -8.88
C LYS A 286 -29.16 -14.58 -8.66
N ALA A 287 -29.96 -14.65 -9.72
CA ALA A 287 -31.32 -15.17 -9.64
C ALA A 287 -31.78 -15.71 -10.99
N THR A 292 -38.87 -16.32 -17.46
CA THR A 292 -38.22 -16.16 -18.75
C THR A 292 -36.88 -16.90 -18.81
N GLY A 293 -36.09 -16.73 -17.76
CA GLY A 293 -34.77 -17.34 -17.70
C GLY A 293 -33.68 -16.32 -17.44
N GLU A 295 -31.03 -17.14 -16.13
CA GLU A 295 -29.68 -17.08 -15.59
C GLU A 295 -29.16 -15.64 -15.54
N ILE A 296 -29.58 -14.90 -14.53
CA ILE A 296 -29.09 -13.55 -14.30
C ILE A 296 -27.84 -13.66 -13.42
N PRO A 297 -26.65 -13.45 -13.95
CA PRO A 297 -25.42 -13.68 -13.19
C PRO A 297 -24.99 -12.47 -12.37
N TYR A 298 -24.11 -12.74 -11.41
CA TYR A 298 -23.47 -11.65 -10.68
C TYR A 298 -22.43 -11.00 -11.57
N THR A 299 -22.30 -9.68 -11.45
CA THR A 299 -21.43 -8.89 -12.32
C THR A 299 -20.37 -8.13 -11.52
N PHE A 300 -19.95 -8.70 -10.39
CA PHE A 300 -18.97 -8.04 -9.52
C PHE A 300 -17.54 -8.42 -9.86
N GLU A 301 -17.30 -9.70 -10.17
CA GLU A 301 -15.95 -10.25 -10.19
C GLU A 301 -14.99 -9.42 -11.04
N ASP A 302 -15.29 -9.29 -12.33
CA ASP A 302 -14.35 -8.64 -13.23
C ASP A 302 -14.35 -7.13 -13.09
N ARG A 303 -15.47 -6.53 -12.69
CA ARG A 303 -15.48 -5.10 -12.40
C ARG A 303 -14.62 -4.79 -11.19
N ILE A 304 -14.73 -5.59 -10.13
CA ILE A 304 -13.93 -5.37 -8.93
C ILE A 304 -12.45 -5.55 -9.24
N ASN A 305 -12.10 -6.65 -9.92
CA ASN A 305 -10.70 -6.92 -10.22
C ASN A 305 -10.11 -5.87 -11.16
N PHE A 306 -10.91 -5.34 -12.08
CA PHE A 306 -10.41 -4.29 -12.97
C PHE A 306 -10.17 -2.99 -12.22
N ALA A 307 -11.00 -2.69 -11.22
CA ALA A 307 -10.82 -1.46 -10.45
C ALA A 307 -9.54 -1.52 -9.62
N VAL A 308 -9.23 -2.67 -9.05
CA VAL A 308 -7.99 -2.82 -8.30
C VAL A 308 -6.79 -2.62 -9.21
N PHE A 309 -6.75 -3.36 -10.32
CA PHE A 309 -5.75 -3.21 -11.36
C PHE A 309 -6.44 -3.47 -12.68
N PRO A 310 -6.20 -2.64 -13.71
CA PRO A 310 -5.21 -1.56 -13.82
C PRO A 310 -5.69 -0.18 -13.35
N SER A 311 -6.95 -0.08 -12.90
CA SER A 311 -7.53 1.24 -12.65
C SER A 311 -6.80 1.98 -11.53
N LEU A 312 -6.74 1.39 -10.34
CA LEU A 312 -6.29 2.10 -9.16
C LEU A 312 -4.86 1.78 -8.75
N GLN A 313 -4.51 0.50 -8.67
CA GLN A 313 -3.21 0.10 -8.13
C GLN A 313 -2.27 -0.32 -9.26
N GLY A 314 -1.01 -0.53 -8.88
CA GLY A 314 -0.02 -1.04 -9.79
C GLY A 314 0.40 -2.45 -9.41
N GLY A 315 1.69 -2.64 -9.14
CA GLY A 315 2.19 -3.93 -8.74
C GLY A 315 1.71 -4.32 -7.36
N PRO A 316 1.23 -5.56 -7.22
CA PRO A 316 0.79 -6.03 -5.91
C PRO A 316 1.96 -6.20 -4.97
N HIS A 317 1.71 -6.00 -3.68
CA HIS A 317 2.71 -6.25 -2.64
C HIS A 317 2.66 -7.73 -2.31
N ASN A 318 3.37 -8.53 -3.11
CA ASN A 318 3.34 -9.97 -2.94
C ASN A 318 3.82 -10.40 -1.57
N HIS A 319 4.75 -9.64 -0.97
CA HIS A 319 5.18 -9.94 0.39
C HIS A 319 4.02 -9.78 1.38
N ALA A 320 3.20 -8.75 1.18
CA ALA A 320 2.02 -8.59 2.03
C ALA A 320 0.98 -9.67 1.73
N ILE A 321 0.79 -10.00 0.45
CA ILE A 321 -0.17 -11.04 0.09
C ILE A 321 0.21 -12.37 0.73
N ALA A 322 1.51 -12.68 0.76
CA ALA A 322 1.95 -13.93 1.38
C ALA A 322 1.77 -13.90 2.88
N ALA A 323 2.16 -12.78 3.52
CA ALA A 323 1.97 -12.66 4.96
C ALA A 323 0.49 -12.74 5.33
N VAL A 324 -0.38 -12.21 4.47
CA VAL A 324 -1.82 -12.33 4.70
C VAL A 324 -2.24 -13.78 4.61
N ALA A 325 -1.69 -14.52 3.64
CA ALA A 325 -2.05 -15.93 3.49
C ALA A 325 -1.61 -16.73 4.71
N VAL A 326 -0.46 -16.39 5.30
CA VAL A 326 -0.03 -17.04 6.53
C VAL A 326 -1.01 -16.76 7.66
N ALA A 327 -1.47 -15.51 7.76
CA ALA A 327 -2.43 -15.15 8.80
C ALA A 327 -3.78 -15.80 8.56
N LEU A 328 -4.17 -15.94 7.29
CA LEU A 328 -5.49 -16.50 6.99
C LEU A 328 -5.56 -17.97 7.39
N LYS A 329 -4.47 -18.72 7.23
CA LYS A 329 -4.47 -20.10 7.69
C LYS A 329 -4.54 -20.16 9.22
N GLN A 330 -3.87 -19.22 9.90
CA GLN A 330 -4.01 -19.14 11.35
C GLN A 330 -5.45 -18.90 11.76
N ALA A 331 -6.22 -18.17 10.95
CA ALA A 331 -7.60 -17.88 11.28
C ALA A 331 -8.51 -19.10 11.15
N CYS A 332 -8.10 -20.12 10.41
CA CYS A 332 -8.89 -21.33 10.26
C CYS A 332 -8.66 -22.35 11.38
N THR A 333 -7.71 -22.10 12.26
CA THR A 333 -7.34 -23.05 13.29
C THR A 333 -8.26 -22.96 14.49
N PRO A 334 -8.36 -24.04 15.28
CA PRO A 334 -9.10 -23.94 16.55
C PRO A 334 -8.47 -22.94 17.51
N MET A 335 -7.16 -22.69 17.39
CA MET A 335 -6.52 -21.70 18.24
C MET A 335 -7.13 -20.33 18.03
N PHE A 336 -7.38 -19.95 16.78
CA PHE A 336 -7.90 -18.61 16.50
C PHE A 336 -9.33 -18.45 16.98
N ARG A 337 -10.12 -19.53 16.97
CA ARG A 337 -11.48 -19.44 17.49
C ARG A 337 -11.48 -19.21 18.99
N GLU A 338 -10.60 -19.90 19.72
CA GLU A 338 -10.51 -19.67 21.15
C GLU A 338 -9.95 -18.29 21.47
N TYR A 339 -9.05 -17.78 20.63
CA TYR A 339 -8.54 -16.42 20.83
C TYR A 339 -9.63 -15.39 20.58
N SER A 340 -10.40 -15.57 19.49
CA SER A 340 -11.50 -14.66 19.22
C SER A 340 -12.58 -14.76 20.28
N LEU A 341 -12.82 -15.97 20.80
CA LEU A 341 -13.72 -16.12 21.94
C LEU A 341 -13.20 -15.36 23.16
N GLN A 342 -11.88 -15.44 23.41
CA GLN A 342 -11.30 -14.72 24.53
C GLN A 342 -11.38 -13.21 24.32
N VAL A 343 -11.27 -12.75 23.06
CA VAL A 343 -11.39 -11.33 22.78
C VAL A 343 -12.74 -10.81 23.22
N LEU A 344 -13.81 -11.55 22.91
CA LEU A 344 -15.15 -11.16 23.35
C LEU A 344 -15.25 -11.19 24.86
N LYS A 345 -14.72 -12.24 25.51
CA LYS A 345 -14.76 -12.31 26.97
C LYS A 345 -13.98 -11.16 27.59
N ASN A 346 -12.81 -10.83 27.04
CA ASN A 346 -11.99 -9.76 27.60
C ASN A 346 -12.66 -8.41 27.44
N ALA A 347 -13.33 -8.18 26.31
CA ALA A 347 -14.05 -6.92 26.13
C ALA A 347 -15.20 -6.79 27.10
N ARG A 348 -15.95 -7.87 27.32
CA ARG A 348 -17.02 -7.84 28.31
C ARG A 348 -16.47 -7.66 29.71
N ALA A 349 -15.37 -8.36 30.03
CA ALA A 349 -14.74 -8.19 31.33
C ALA A 349 -14.25 -6.76 31.52
N MET A 350 -13.67 -6.18 30.46
CA MET A 350 -13.30 -4.78 30.51
C MET A 350 -14.52 -3.89 30.65
N ALA A 351 -15.60 -4.21 29.93
CA ALA A 351 -16.82 -3.43 30.01
C ALA A 351 -17.46 -3.52 31.39
N ASP A 352 -17.55 -4.73 31.93
CA ASP A 352 -18.16 -4.91 33.25
C ASP A 352 -17.33 -4.22 34.34
N ALA A 353 -16.01 -4.31 34.24
CA ALA A 353 -15.15 -3.67 35.23
C ALA A 353 -15.34 -2.16 35.22
N LEU A 354 -15.53 -1.57 34.04
CA LEU A 354 -15.76 -0.13 33.97
C LEU A 354 -17.10 0.25 34.56
N LEU A 355 -18.12 -0.57 34.32
CA LEU A 355 -19.45 -0.27 34.85
C LEU A 355 -19.45 -0.30 36.37
N GLU A 356 -18.81 -1.31 36.97
CA GLU A 356 -18.77 -1.42 38.42
C GLU A 356 -17.99 -0.27 39.05
N ARG A 357 -17.10 0.37 38.30
N ARG A 357 -17.09 0.37 38.30
CA ARG A 357 -16.31 1.49 38.80
CA ARG A 357 -16.31 1.48 38.81
C ARG A 357 -16.94 2.84 38.48
C ARG A 357 -16.94 2.83 38.50
N GLY A 358 -18.21 2.85 38.09
CA GLY A 358 -18.93 4.10 37.88
C GLY A 358 -18.78 4.74 36.52
N TYR A 359 -18.41 3.99 35.49
CA TYR A 359 -18.25 4.53 34.16
C TYR A 359 -19.50 4.27 33.32
N SER A 360 -19.70 5.11 32.31
CA SER A 360 -20.79 4.97 31.37
C SER A 360 -20.27 4.36 30.07
N LEU A 361 -21.04 3.45 29.49
CA LEU A 361 -20.70 2.81 28.23
C LEU A 361 -21.73 3.18 27.18
N VAL A 362 -21.25 3.67 26.03
CA VAL A 362 -22.15 3.96 24.92
C VAL A 362 -22.81 2.67 24.47
N SER A 363 -24.14 2.72 24.32
CA SER A 363 -24.99 1.56 24.01
C SER A 363 -25.00 0.54 25.14
N GLY A 364 -24.60 0.93 26.35
CA GLY A 364 -24.77 0.12 27.54
C GLY A 364 -23.73 -0.96 27.76
N GLY A 365 -23.05 -1.42 26.71
CA GLY A 365 -22.07 -2.47 26.86
C GLY A 365 -21.35 -2.79 25.57
N THR A 366 -21.16 -4.07 25.28
CA THR A 366 -20.48 -4.46 24.06
C THR A 366 -20.86 -5.89 23.70
N ASP A 367 -20.85 -6.17 22.39
CA ASP A 367 -21.02 -7.52 21.87
C ASP A 367 -19.88 -7.93 20.97
N ASN A 368 -18.85 -7.10 20.82
CA ASN A 368 -17.71 -7.44 19.98
C ASN A 368 -16.39 -7.24 20.72
N HIS A 369 -15.41 -6.65 20.05
CA HIS A 369 -14.04 -6.60 20.53
C HIS A 369 -13.69 -5.32 21.27
N LEU A 370 -14.50 -4.28 21.15
CA LEU A 370 -14.17 -2.97 21.72
C LEU A 370 -15.25 -2.51 22.69
N VAL A 371 -14.92 -1.43 23.40
CA VAL A 371 -15.81 -0.83 24.38
C VAL A 371 -15.73 0.68 24.22
N LEU A 372 -16.89 1.34 24.15
CA LEU A 372 -16.97 2.79 24.03
C LEU A 372 -17.34 3.36 25.40
N VAL A 373 -16.39 4.05 26.03
CA VAL A 373 -16.57 4.59 27.37
C VAL A 373 -16.96 6.05 27.26
N ASP A 374 -18.04 6.43 27.94
CA ASP A 374 -18.47 7.82 28.04
C ASP A 374 -17.93 8.40 29.34
N LEU A 375 -16.98 9.32 29.22
CA LEU A 375 -16.34 9.91 30.38
C LEU A 375 -16.97 11.22 30.83
N ARG A 376 -17.94 11.74 30.08
CA ARG A 376 -18.63 12.95 30.50
C ARG A 376 -19.27 12.83 31.89
N PRO A 377 -19.93 11.74 32.27
CA PRO A 377 -20.49 11.67 33.63
C PRO A 377 -19.43 11.62 34.72
N LYS A 378 -18.18 11.28 34.39
CA LYS A 378 -17.11 11.22 35.37
C LYS A 378 -16.40 12.55 35.55
N GLY A 379 -16.51 13.45 34.59
CA GLY A 379 -15.93 14.77 34.70
C GLY A 379 -14.67 15.02 33.89
N LEU A 380 -14.34 14.14 32.96
CA LEU A 380 -13.14 14.28 32.14
C LEU A 380 -13.49 14.00 30.69
N ASP A 381 -12.83 14.70 29.78
CA ASP A 381 -13.05 14.48 28.36
C ASP A 381 -12.06 13.45 27.83
N GLY A 382 -12.36 12.93 26.64
CA GLY A 382 -11.50 11.92 26.05
C GLY A 382 -10.12 12.44 25.69
N ALA A 383 -10.03 13.72 25.31
CA ALA A 383 -8.74 14.30 24.97
C ALA A 383 -7.79 14.28 26.16
N ARG A 384 -8.27 14.73 27.32
CA ARG A 384 -7.43 14.73 28.52
C ARG A 384 -7.10 13.32 28.97
N ALA A 385 -8.06 12.40 28.90
CA ALA A 385 -7.81 11.03 29.31
C ALA A 385 -6.84 10.34 28.36
N GLU A 386 -6.94 10.63 27.06
CA GLU A 386 -6.05 9.99 26.10
C GLU A 386 -4.60 10.40 26.33
N ARG A 387 -4.38 11.66 26.70
CA ARG A 387 -3.02 12.13 26.94
C ARG A 387 -2.46 11.57 28.24
N VAL A 388 -3.28 11.55 29.29
CA VAL A 388 -2.83 11.02 30.58
C VAL A 388 -2.52 9.53 30.45
N LEU A 389 -3.42 8.78 29.80
CA LEU A 389 -3.19 7.35 29.64
C LEU A 389 -1.98 7.07 28.75
N GLU A 390 -1.72 7.93 27.76
CA GLU A 390 -0.57 7.73 26.89
C GLU A 390 0.74 7.88 27.67
N LEU A 391 0.80 8.84 28.60
CA LEU A 391 2.01 9.07 29.37
C LEU A 391 2.30 7.97 30.38
N VAL A 392 1.33 7.10 30.66
CA VAL A 392 1.55 5.93 31.51
C VAL A 392 1.53 4.65 30.69
N SER A 393 1.82 4.75 29.38
CA SER A 393 1.97 3.61 28.48
C SER A 393 0.67 2.85 28.27
N ILE A 394 -0.47 3.54 28.38
CA ILE A 394 -1.77 2.96 28.07
C ILE A 394 -2.29 3.67 26.83
N THR A 395 -2.30 2.97 25.70
CA THR A 395 -2.63 3.57 24.42
C THR A 395 -4.10 3.33 24.10
N ALA A 396 -4.90 4.39 24.21
CA ALA A 396 -6.28 4.43 23.75
C ALA A 396 -6.42 5.60 22.78
N ASN A 397 -7.67 5.93 22.45
CA ASN A 397 -7.94 7.08 21.60
C ASN A 397 -9.27 7.71 21.98
N LYS A 398 -9.31 9.04 21.95
CA LYS A 398 -10.55 9.76 22.22
C LYS A 398 -11.62 9.35 21.21
N ASN A 399 -12.87 9.40 21.66
CA ASN A 399 -14.00 8.95 20.85
C ASN A 399 -15.19 9.85 21.10
N THR A 400 -15.82 10.32 20.03
CA THR A 400 -16.98 11.19 20.16
C THR A 400 -18.15 10.42 20.76
N CYS A 401 -18.84 11.06 21.71
CA CYS A 401 -20.05 10.49 22.29
C CYS A 401 -21.29 11.06 21.61
N PRO A 402 -22.35 10.28 21.52
CA PRO A 402 -23.59 10.77 20.87
C PRO A 402 -24.11 12.02 21.58
N GLY A 403 -24.19 13.11 20.82
CA GLY A 403 -24.59 14.38 21.37
C GLY A 403 -23.57 15.48 21.12
N ASP A 404 -22.33 15.24 21.55
CA ASP A 404 -21.26 16.20 21.33
C ASP A 404 -21.02 16.40 19.84
N ARG A 405 -20.53 17.59 19.48
CA ARG A 405 -20.27 17.92 18.09
C ARG A 405 -18.78 17.87 17.79
N ILE A 408 -17.75 20.13 19.74
CA ILE A 408 -17.25 19.96 21.10
C ILE A 408 -16.02 19.07 21.13
N THR A 409 -15.23 19.17 22.20
CA THR A 409 -14.10 18.26 22.36
C THR A 409 -14.62 16.90 22.83
N PRO A 410 -14.04 15.80 22.32
CA PRO A 410 -14.64 14.48 22.57
C PRO A 410 -14.63 14.13 24.04
N GLY A 411 -15.71 13.50 24.49
CA GLY A 411 -15.86 13.16 25.89
C GLY A 411 -15.88 11.67 26.15
N GLY A 412 -15.39 10.88 25.19
CA GLY A 412 -15.41 9.45 25.30
C GLY A 412 -14.07 8.83 24.93
N LEU A 413 -14.01 7.51 25.07
CA LEU A 413 -12.77 6.77 24.89
C LEU A 413 -13.10 5.41 24.30
N ARG A 414 -12.39 5.02 23.24
CA ARG A 414 -12.56 3.71 22.62
C ARG A 414 -11.42 2.80 23.07
N LEU A 415 -11.78 1.65 23.63
CA LEU A 415 -10.81 0.69 24.14
C LEU A 415 -11.05 -0.66 23.48
N GLY A 416 -9.98 -1.29 23.00
CA GLY A 416 -10.06 -2.56 22.31
C GLY A 416 -9.34 -3.66 23.05
N ALA A 417 -9.81 -4.89 22.83
CA ALA A 417 -9.27 -6.08 23.46
C ALA A 417 -8.32 -6.91 22.59
N PRO A 418 -8.49 -6.98 21.25
CA PRO A 418 -7.72 -7.97 20.48
C PRO A 418 -6.21 -7.86 20.59
N ALA A 419 -5.67 -6.65 20.82
CA ALA A 419 -4.22 -6.50 20.89
C ALA A 419 -3.65 -7.23 22.11
N LEU A 420 -4.17 -6.91 23.30
CA LEU A 420 -3.65 -7.53 24.51
C LEU A 420 -4.06 -9.00 24.61
N THR A 421 -5.20 -9.36 24.03
CA THR A 421 -5.60 -10.77 24.04
C THR A 421 -4.62 -11.63 23.27
N SER A 422 -3.96 -11.07 22.26
CA SER A 422 -2.91 -11.80 21.56
C SER A 422 -1.67 -11.98 22.43
N ARG A 423 -1.56 -11.20 23.50
CA ARG A 423 -0.49 -11.35 24.49
C ARG A 423 -0.90 -12.27 25.63
N GLN A 424 -1.90 -13.13 25.40
CA GLN A 424 -2.42 -14.09 26.38
C GLN A 424 -3.05 -13.41 27.59
N PHE A 425 -3.52 -12.18 27.44
CA PHE A 425 -4.34 -11.56 28.48
C PHE A 425 -5.64 -12.34 28.65
N ARG A 426 -6.10 -12.43 29.89
CA ARG A 426 -7.36 -13.08 30.20
C ARG A 426 -8.27 -12.09 30.94
N GLU A 427 -9.42 -12.59 31.40
CA GLU A 427 -10.43 -11.71 31.99
C GLU A 427 -9.88 -10.97 33.22
N ASP A 428 -9.15 -11.69 34.09
CA ASP A 428 -8.58 -11.03 35.26
C ASP A 428 -7.54 -10.00 34.87
N ASP A 429 -6.84 -10.20 33.76
CA ASP A 429 -5.82 -9.25 33.34
C ASP A 429 -6.45 -7.95 32.85
N PHE A 430 -7.59 -8.04 32.15
CA PHE A 430 -8.24 -6.82 31.70
C PHE A 430 -8.90 -6.07 32.86
N ARG A 431 -9.39 -6.80 33.87
CA ARG A 431 -9.89 -6.14 35.07
C ARG A 431 -8.79 -5.33 35.74
N ARG A 432 -7.55 -5.85 35.72
CA ARG A 432 -6.42 -5.08 36.21
C ARG A 432 -6.11 -3.91 35.30
N VAL A 433 -6.29 -4.08 33.99
CA VAL A 433 -6.10 -2.97 33.05
C VAL A 433 -7.06 -1.83 33.38
N VAL A 434 -8.31 -2.15 33.69
CA VAL A 434 -9.28 -1.14 34.06
C VAL A 434 -8.85 -0.42 35.34
N ASP A 435 -8.18 -1.13 36.24
CA ASP A 435 -7.65 -0.49 37.45
C ASP A 435 -6.63 0.58 37.10
N PHE A 436 -5.69 0.24 36.22
CA PHE A 436 -4.70 1.23 35.78
C PHE A 436 -5.37 2.39 35.06
N ILE A 437 -6.40 2.11 34.26
CA ILE A 437 -7.14 3.17 33.60
C ILE A 437 -7.83 4.06 34.63
N ASP A 438 -8.44 3.45 35.65
CA ASP A 438 -9.15 4.22 36.66
C ASP A 438 -8.21 5.16 37.40
N GLU A 439 -6.99 4.72 37.68
CA GLU A 439 -6.01 5.60 38.32
C GLU A 439 -5.63 6.74 37.39
N GLY A 440 -5.49 6.47 36.10
CA GLY A 440 -5.14 7.52 35.16
C GLY A 440 -6.24 8.57 35.05
N VAL A 441 -7.50 8.13 35.07
CA VAL A 441 -8.62 9.07 34.97
C VAL A 441 -8.60 10.05 36.15
N ASN A 442 -8.38 9.53 37.36
CA ASN A 442 -8.40 10.40 38.53
C ASN A 442 -7.19 11.30 38.58
N ILE A 443 -6.05 10.87 38.01
CA ILE A 443 -4.91 11.77 37.87
C ILE A 443 -5.26 12.91 36.93
N GLY A 444 -5.87 12.59 35.78
CA GLY A 444 -6.32 13.63 34.89
C GLY A 444 -7.43 14.49 35.48
N LEU A 445 -8.22 13.92 36.39
CA LEU A 445 -9.28 14.69 37.04
C LEU A 445 -8.68 15.74 37.97
N GLU A 446 -7.66 15.37 38.74
CA GLU A 446 -7.04 16.34 39.65
C GLU A 446 -6.26 17.40 38.89
N VAL A 447 -5.72 17.06 37.72
CA VAL A 447 -5.00 18.06 36.92
C VAL A 447 -5.98 19.04 36.28
N LYS A 448 -7.14 18.54 35.85
CA LYS A 448 -8.15 19.41 35.26
C LYS A 448 -8.63 20.45 36.26
N SER A 449 -8.74 20.07 37.53
CA SER A 449 -9.08 21.04 38.57
C SER A 449 -7.99 22.06 38.81
N LYS A 450 -6.76 21.79 38.34
CA LYS A 450 -5.63 22.68 38.51
C LYS A 450 -5.22 23.35 37.19
N THR A 451 -6.03 23.22 36.14
CA THR A 451 -5.73 23.81 34.85
C THR A 451 -7.01 24.37 34.23
N ALA A 452 -6.84 25.20 33.21
CA ALA A 452 -7.97 25.79 32.50
C ALA A 452 -8.07 25.25 31.09
N LYS A 453 -7.28 25.80 30.17
CA LYS A 453 -7.30 25.36 28.79
C LYS A 453 -6.73 23.95 28.67
N LEU A 454 -6.86 23.38 27.47
CA LEU A 454 -6.41 22.01 27.26
C LEU A 454 -4.89 21.91 27.23
N GLN A 455 -4.22 22.87 26.57
CA GLN A 455 -2.76 22.84 26.54
C GLN A 455 -2.15 23.30 27.85
N ASP A 456 -2.92 23.99 28.71
CA ASP A 456 -2.51 24.13 30.10
C ASP A 456 -2.54 22.78 30.80
N PHE A 457 -3.51 21.93 30.46
CA PHE A 457 -3.58 20.59 31.02
C PHE A 457 -2.43 19.73 30.50
N LYS A 458 -2.20 19.73 29.18
CA LYS A 458 -1.15 18.91 28.60
C LYS A 458 0.22 19.30 29.14
N SER A 459 0.48 20.61 29.23
CA SER A 459 1.77 21.07 29.74
C SER A 459 1.93 20.77 31.24
N PHE A 460 0.82 20.79 31.99
CA PHE A 460 0.89 20.52 33.42
C PHE A 460 1.36 19.09 33.70
N LEU A 461 1.04 18.15 32.80
CA LEU A 461 1.49 16.78 32.97
C LEU A 461 3.00 16.63 32.78
N LEU A 462 3.67 17.63 32.22
CA LEU A 462 5.11 17.59 31.98
C LEU A 462 5.89 18.51 32.91
N LYS A 463 5.46 19.77 33.04
CA LYS A 463 6.22 20.73 33.84
C LYS A 463 6.04 20.48 35.33
N ASP A 464 4.80 20.34 35.79
CA ASP A 464 4.53 20.19 37.22
C ASP A 464 5.24 18.96 37.78
N SER A 465 6.01 19.18 38.84
CA SER A 465 6.92 18.14 39.33
C SER A 465 6.16 16.97 39.94
N GLU A 466 5.13 17.24 40.75
CA GLU A 466 4.36 16.14 41.31
C GLU A 466 3.69 15.34 40.21
N THR A 467 2.73 15.94 39.50
CA THR A 467 2.01 15.25 38.42
C THR A 467 2.97 14.45 37.55
N SER A 468 4.20 14.96 37.39
CA SER A 468 5.24 14.22 36.68
C SER A 468 5.57 12.91 37.39
N GLN A 469 5.93 12.97 38.67
CA GLN A 469 6.34 11.75 39.36
C GLN A 469 5.15 10.85 39.67
N ARG A 470 3.97 11.43 39.90
CA ARG A 470 2.78 10.59 40.11
C ARG A 470 2.49 9.75 38.87
N LEU A 471 2.66 10.32 37.69
CA LEU A 471 2.50 9.56 36.45
C LEU A 471 3.68 8.61 36.21
N ALA A 472 4.87 8.95 36.71
CA ALA A 472 6.00 8.06 36.57
C ALA A 472 5.81 6.77 37.36
N ASN A 473 5.16 6.86 38.53
CA ASN A 473 4.91 5.65 39.32
C ASN A 473 3.86 4.77 38.66
N LEU A 474 2.81 5.37 38.11
CA LEU A 474 1.80 4.58 37.41
C LEU A 474 2.36 3.97 36.14
N ARG A 475 3.16 4.74 35.39
CA ARG A 475 3.76 4.20 34.17
C ARG A 475 4.65 3.00 34.48
N GLN A 476 5.44 3.08 35.55
CA GLN A 476 6.32 1.98 35.92
C GLN A 476 5.51 0.74 36.31
N ARG A 477 4.42 0.94 37.06
CA ARG A 477 3.57 -0.20 37.41
C ARG A 477 2.90 -0.79 36.18
N VAL A 478 2.55 0.05 35.21
CA VAL A 478 1.92 -0.43 33.99
C VAL A 478 2.91 -1.25 33.16
N GLU A 479 4.15 -0.78 33.06
CA GLU A 479 5.13 -1.47 32.22
C GLU A 479 5.58 -2.78 32.85
N GLN A 480 5.78 -2.80 34.17
CA GLN A 480 6.13 -4.05 34.83
C GLN A 480 5.04 -5.10 34.66
N PHE A 481 3.78 -4.65 34.62
CA PHE A 481 2.67 -5.59 34.43
C PHE A 481 2.60 -6.07 32.99
N ALA A 482 2.92 -5.19 32.03
CA ALA A 482 2.78 -5.53 30.62
C ALA A 482 3.95 -6.35 30.11
N ARG A 483 5.17 -6.06 30.57
CA ARG A 483 6.34 -6.76 30.07
C ARG A 483 6.28 -8.26 30.33
N ALA A 484 5.58 -8.66 31.39
CA ALA A 484 5.56 -10.08 31.78
C ALA A 484 4.83 -10.94 30.76
N PHE A 485 3.88 -10.36 30.02
CA PHE A 485 3.11 -11.13 29.06
C PHE A 485 3.91 -11.37 27.78
N PRO A 486 3.71 -12.51 27.13
CA PRO A 486 4.41 -12.77 25.87
C PRO A 486 3.94 -11.84 24.77
N MET A 487 4.76 -11.73 23.73
CA MET A 487 4.51 -10.81 22.62
C MET A 487 4.70 -11.56 21.31
N PRO A 488 3.69 -11.62 20.45
CA PRO A 488 3.89 -12.24 19.13
C PRO A 488 4.88 -11.45 18.30
N GLY A 489 5.54 -12.16 17.38
CA GLY A 489 6.52 -11.56 16.50
C GLY A 489 7.93 -12.00 16.82
N PHE A 490 8.89 -11.23 16.29
CA PHE A 490 10.28 -11.48 16.59
C PHE A 490 10.61 -11.02 18.02
N ASP A 491 11.77 -11.46 18.51
CA ASP A 491 12.16 -11.09 19.87
C ASP A 491 12.76 -9.68 19.92
N GLU A 492 13.59 -9.34 18.94
CA GLU A 492 14.42 -8.14 19.00
C GLU A 492 13.90 -7.00 18.13
N HIS A 493 13.01 -7.27 17.19
CA HIS A 493 12.53 -6.23 16.28
C HIS A 493 11.14 -6.53 15.72
N TRP B 32 0.07 -21.50 21.63
CA TRP B 32 0.35 -20.58 20.53
C TRP B 32 0.80 -19.23 21.05
N THR B 33 1.96 -18.77 20.57
CA THR B 33 2.54 -17.52 21.01
C THR B 33 2.72 -16.49 19.90
N GLY B 34 2.69 -16.90 18.64
CA GLY B 34 2.97 -15.99 17.55
C GLY B 34 4.44 -15.82 17.24
N GLN B 35 5.33 -16.42 18.02
CA GLN B 35 6.76 -16.35 17.79
C GLN B 35 7.30 -17.59 17.08
N GLU B 36 6.43 -18.53 16.72
CA GLU B 36 6.88 -19.71 15.98
C GLU B 36 7.39 -19.30 14.60
N SER B 37 8.41 -20.01 14.14
CA SER B 37 8.99 -19.72 12.84
C SER B 37 8.01 -20.06 11.72
N LEU B 38 8.18 -19.37 10.58
CA LEU B 38 7.32 -19.63 9.44
C LEU B 38 7.53 -21.04 8.89
N SER B 39 8.78 -21.51 8.90
CA SER B 39 9.06 -22.84 8.38
C SER B 39 8.45 -23.93 9.25
N ASP B 40 8.22 -23.65 10.53
CA ASP B 40 7.64 -24.64 11.43
C ASP B 40 6.11 -24.61 11.42
N SER B 41 5.52 -23.44 11.18
CA SER B 41 4.07 -23.28 11.29
C SER B 41 3.33 -23.32 9.96
N ASP B 42 3.96 -22.85 8.88
CA ASP B 42 3.33 -22.84 7.55
C ASP B 42 4.32 -23.39 6.53
N PRO B 43 4.55 -24.70 6.53
CA PRO B 43 5.49 -25.27 5.55
C PRO B 43 5.02 -25.14 4.11
N GLU B 44 3.71 -25.20 3.85
CA GLU B 44 3.24 -25.02 2.49
C GLU B 44 3.60 -23.63 1.97
N MET B 45 3.45 -22.60 2.81
CA MET B 45 3.92 -21.29 2.44
C MET B 45 5.45 -21.27 2.33
N TRP B 46 6.13 -21.69 3.39
CA TRP B 46 7.59 -21.63 3.44
C TRP B 46 8.24 -22.25 2.21
N GLU B 47 7.62 -23.31 1.66
CA GLU B 47 8.12 -23.88 0.41
C GLU B 47 8.01 -22.91 -0.74
N LEU B 48 6.96 -22.06 -0.73
CA LEU B 48 6.77 -21.12 -1.82
C LEU B 48 7.75 -19.94 -1.75
N LEU B 49 8.01 -19.44 -0.54
CA LEU B 49 9.04 -18.39 -0.40
C LEU B 49 10.38 -18.87 -0.92
N GLN B 50 10.74 -20.13 -0.61
CA GLN B 50 12.02 -20.66 -1.07
C GLN B 50 12.01 -20.89 -2.58
N ARG B 51 10.88 -21.36 -3.12
CA ARG B 51 10.77 -21.56 -4.56
C ARG B 51 10.91 -20.24 -5.31
N GLU B 52 10.31 -19.17 -4.77
CA GLU B 52 10.46 -17.86 -5.40
C GLU B 52 11.89 -17.35 -5.25
N LYS B 53 12.48 -17.49 -4.05
CA LYS B 53 13.87 -17.11 -3.87
C LYS B 53 14.78 -17.88 -4.81
N ASP B 54 14.52 -19.18 -4.99
CA ASP B 54 15.35 -19.98 -5.88
C ASP B 54 15.27 -19.48 -7.31
N ARG B 55 14.05 -19.17 -7.78
CA ARG B 55 13.88 -18.73 -9.17
C ARG B 55 14.47 -17.34 -9.40
N GLN B 56 14.41 -16.49 -8.37
CA GLN B 56 15.10 -15.21 -8.44
C GLN B 56 16.60 -15.41 -8.69
N CYS B 57 17.22 -16.30 -7.91
CA CYS B 57 18.61 -16.64 -8.14
C CYS B 57 18.81 -17.55 -9.34
N ARG B 58 17.76 -18.26 -9.76
CA ARG B 58 17.88 -19.18 -10.90
C ARG B 58 18.19 -18.43 -12.18
N GLY B 59 17.40 -17.42 -12.51
CA GLY B 59 17.44 -16.78 -13.80
C GLY B 59 17.95 -15.36 -13.75
N LEU B 60 17.72 -14.65 -14.84
CA LEU B 60 18.21 -13.30 -15.03
C LEU B 60 17.01 -12.37 -15.11
N GLU B 61 17.00 -11.38 -14.24
CA GLU B 61 15.91 -10.41 -14.18
C GLU B 61 16.28 -9.25 -15.07
N LEU B 62 15.54 -9.10 -16.17
CA LEU B 62 15.73 -8.00 -17.10
C LEU B 62 14.54 -7.06 -17.15
N ILE B 63 13.60 -7.20 -16.22
CA ILE B 63 12.50 -6.23 -16.11
C ILE B 63 13.05 -4.94 -15.52
N ALA B 64 12.88 -3.83 -16.25
CA ALA B 64 13.49 -2.57 -15.86
C ALA B 64 12.95 -2.04 -14.54
N SER B 65 11.75 -2.46 -14.13
CA SER B 65 11.14 -1.98 -12.92
C SER B 65 11.48 -2.82 -11.69
N GLU B 66 12.06 -4.00 -11.88
CA GLU B 66 12.35 -4.89 -10.77
C GLU B 66 13.77 -4.70 -10.26
N ASN B 67 13.99 -5.18 -9.04
CA ASN B 67 15.28 -5.07 -8.37
C ASN B 67 15.26 -6.02 -7.18
N PHE B 68 16.43 -6.20 -6.58
CA PHE B 68 16.59 -7.12 -5.46
C PHE B 68 16.89 -6.31 -4.21
N CYS B 69 15.97 -6.34 -3.26
CA CYS B 69 16.07 -5.50 -2.07
C CYS B 69 17.08 -6.08 -1.09
N SER B 70 17.71 -5.19 -0.32
CA SER B 70 18.74 -5.56 0.64
C SER B 70 18.12 -6.18 1.88
N ARG B 71 18.93 -6.98 2.59
CA ARG B 71 18.45 -7.64 3.80
C ARG B 71 18.14 -6.63 4.90
N ALA B 72 18.87 -5.51 4.95
CA ALA B 72 18.63 -4.52 5.99
C ALA B 72 17.25 -3.89 5.84
N ALA B 73 16.80 -3.69 4.60
CA ALA B 73 15.49 -3.08 4.37
C ALA B 73 14.37 -4.06 4.69
N LEU B 74 14.47 -5.30 4.19
CA LEU B 74 13.44 -6.29 4.49
C LEU B 74 13.37 -6.63 5.97
N GLU B 75 14.52 -6.56 6.66
CA GLU B 75 14.50 -6.74 8.11
C GLU B 75 13.58 -5.73 8.78
N ALA B 76 13.56 -4.50 8.28
CA ALA B 76 12.63 -3.50 8.79
C ALA B 76 11.24 -3.67 8.20
N LEU B 77 11.14 -4.22 6.99
CA LEU B 77 9.83 -4.41 6.37
C LEU B 77 9.00 -5.45 7.14
N GLY B 78 9.64 -6.53 7.59
CA GLY B 78 8.96 -7.52 8.39
C GLY B 78 9.25 -7.34 9.87
N SER B 79 8.91 -6.17 10.39
CA SER B 79 9.20 -5.80 11.78
C SER B 79 7.89 -5.59 12.54
N CYS B 80 8.02 -5.20 13.80
CA CYS B 80 6.86 -4.87 14.61
C CYS B 80 6.23 -3.56 14.21
N LEU B 81 6.87 -2.78 13.34
CA LEU B 81 6.28 -1.53 12.87
C LEU B 81 5.00 -1.75 12.09
N ASN B 82 4.75 -3.00 11.65
CA ASN B 82 3.47 -3.33 11.03
C ASN B 82 2.32 -3.20 12.02
N ASN B 83 2.59 -3.31 13.32
CA ASN B 83 1.55 -3.34 14.33
C ASN B 83 1.04 -1.96 14.72
N LYS B 84 1.78 -0.90 14.40
CA LYS B 84 1.47 0.43 14.89
C LYS B 84 0.56 1.16 13.91
N TYR B 85 -0.59 1.63 14.42
CA TYR B 85 -1.45 2.55 13.69
C TYR B 85 -1.03 3.97 14.04
N SER B 86 -0.59 4.73 13.03
CA SER B 86 -0.11 6.09 13.23
C SER B 86 -0.71 7.01 12.18
N GLU B 87 -2.04 7.04 12.13
CA GLU B 87 -2.73 7.94 11.21
C GLU B 87 -2.41 9.39 11.56
N GLY B 88 -2.13 10.19 10.54
CA GLY B 88 -1.70 11.56 10.71
C GLY B 88 -0.29 11.76 10.20
N TYR B 89 0.43 12.67 10.86
CA TYR B 89 1.80 13.01 10.50
C TYR B 89 2.57 13.31 11.77
N PRO B 90 3.91 13.25 11.70
CA PRO B 90 4.71 13.52 12.90
C PRO B 90 4.32 14.81 13.59
N GLY B 91 4.05 14.72 14.89
CA GLY B 91 3.59 15.84 15.66
C GLY B 91 2.12 16.14 15.57
N LYS B 92 1.46 15.70 14.49
CA LYS B 92 0.03 15.92 14.30
C LYS B 92 -0.67 14.59 14.05
N ARG B 93 -0.52 13.67 15.02
CA ARG B 93 -1.20 12.38 14.94
C ARG B 93 -2.62 12.51 15.48
N TYR B 94 -3.42 11.48 15.21
CA TYR B 94 -4.75 11.38 15.80
C TYR B 94 -4.80 10.43 16.98
N TYR B 95 -3.97 9.40 16.98
CA TYR B 95 -3.83 8.50 18.11
C TYR B 95 -2.68 8.98 19.01
N GLY B 96 -2.34 8.17 20.02
CA GLY B 96 -1.17 8.39 20.83
C GLY B 96 -0.19 7.23 20.66
N GLY B 97 0.92 7.34 21.40
CA GLY B 97 1.93 6.31 21.37
C GLY B 97 2.72 6.22 20.08
N ALA B 98 2.76 7.29 19.30
CA ALA B 98 3.53 7.33 18.07
C ALA B 98 4.93 7.91 18.25
N GLU B 99 5.46 7.83 19.47
CA GLU B 99 6.73 8.50 19.78
C GLU B 99 7.87 7.99 18.91
N VAL B 100 7.89 6.68 18.63
CA VAL B 100 9.00 6.10 17.89
C VAL B 100 8.78 6.19 16.38
N VAL B 101 7.55 5.92 15.93
CA VAL B 101 7.27 6.00 14.50
C VAL B 101 7.34 7.43 13.98
N ASP B 102 7.13 8.43 14.85
CA ASP B 102 7.31 9.82 14.44
C ASP B 102 8.77 10.09 14.07
N GLU B 103 9.70 9.58 14.87
CA GLU B 103 11.11 9.75 14.55
C GLU B 103 11.51 8.95 13.32
N ILE B 104 10.86 7.81 13.08
CA ILE B 104 11.18 7.02 11.89
C ILE B 104 10.67 7.70 10.64
N GLU B 105 9.48 8.32 10.72
CA GLU B 105 8.95 9.05 9.57
C GLU B 105 9.78 10.29 9.29
N LEU B 106 10.17 11.02 10.34
CA LEU B 106 11.00 12.21 10.14
C LEU B 106 12.37 11.85 9.60
N LEU B 107 12.93 10.71 10.04
CA LEU B 107 14.21 10.27 9.51
C LEU B 107 14.07 9.86 8.05
N CYS B 108 12.97 9.19 7.70
CA CYS B 108 12.72 8.86 6.30
C CYS B 108 12.60 10.12 5.45
N GLN B 109 12.00 11.17 6.01
CA GLN B 109 11.90 12.44 5.29
C GLN B 109 13.27 13.07 5.10
N ARG B 110 14.08 13.11 6.17
CA ARG B 110 15.42 13.68 6.06
C ARG B 110 16.28 12.88 5.08
N ARG B 111 16.21 11.54 5.17
CA ARG B 111 16.98 10.70 4.26
C ARG B 111 16.50 10.83 2.83
N ALA B 112 15.22 11.13 2.63
CA ALA B 112 14.71 11.33 1.27
C ALA B 112 15.21 12.64 0.69
N LEU B 113 15.15 13.72 1.47
CA LEU B 113 15.66 15.00 0.99
C LEU B 113 17.18 14.97 0.81
N GLU B 114 17.88 14.18 1.64
CA GLU B 114 19.32 14.05 1.49
C GLU B 114 19.68 13.23 0.27
N ALA B 115 18.91 12.16 0.00
CA ALA B 115 19.24 11.27 -1.10
C ALA B 115 19.17 11.98 -2.44
N PHE B 116 18.35 13.02 -2.56
CA PHE B 116 18.19 13.76 -3.79
C PHE B 116 18.71 15.18 -3.70
N ASP B 117 19.47 15.50 -2.64
CA ASP B 117 20.12 16.78 -2.47
C ASP B 117 19.13 17.94 -2.58
N LEU B 118 18.25 18.00 -1.59
CA LEU B 118 17.20 19.01 -1.54
C LEU B 118 17.33 19.82 -0.26
N ASP B 119 17.26 21.13 -0.38
CA ASP B 119 17.23 22.01 0.79
C ASP B 119 15.94 21.75 1.56
N PRO B 120 16.00 21.38 2.85
CA PRO B 120 14.76 21.14 3.61
C PRO B 120 13.90 22.39 3.78
N ALA B 121 14.33 23.51 3.19
CA ALA B 121 13.51 24.71 3.11
C ALA B 121 12.88 24.90 1.74
N GLN B 122 13.45 24.30 0.69
CA GLN B 122 12.89 24.39 -0.65
C GLN B 122 12.02 23.20 -1.01
N TRP B 123 12.16 22.08 -0.32
CA TRP B 123 11.46 20.85 -0.69
C TRP B 123 10.98 20.13 0.57
N GLY B 124 9.80 19.52 0.45
CA GLY B 124 9.33 18.57 1.44
C GLY B 124 9.00 17.25 0.76
N VAL B 125 8.76 16.22 1.59
CA VAL B 125 8.47 14.89 1.08
C VAL B 125 7.42 14.23 1.95
N ASN B 126 6.52 13.50 1.31
CA ASN B 126 5.54 12.66 1.99
C ASN B 126 5.93 11.20 1.76
N VAL B 127 6.18 10.48 2.85
CA VAL B 127 6.72 9.12 2.76
C VAL B 127 5.64 8.07 3.02
N GLN B 128 4.39 8.47 3.13
CA GLN B 128 3.27 7.57 3.42
C GLN B 128 2.62 6.87 2.21
N PRO B 129 2.79 7.34 0.97
CA PRO B 129 2.18 6.61 -0.17
C PRO B 129 2.47 5.11 -0.14
N TYR B 130 1.42 4.32 -0.31
CA TYR B 130 1.54 2.87 -0.25
C TYR B 130 2.43 2.33 -1.37
N SER B 131 2.35 2.93 -2.55
CA SER B 131 3.15 2.49 -3.69
C SER B 131 3.24 3.65 -4.68
N GLY B 132 3.66 3.35 -5.91
CA GLY B 132 3.80 4.39 -6.91
C GLY B 132 2.47 4.92 -7.40
N SER B 133 1.54 4.01 -7.73
CA SER B 133 0.22 4.43 -8.20
C SER B 133 -0.51 5.32 -7.18
N PRO B 134 -0.58 4.97 -5.89
CA PRO B 134 -1.23 5.90 -4.95
C PRO B 134 -0.53 7.25 -4.85
N ALA B 135 0.78 7.30 -5.08
CA ALA B 135 1.50 8.56 -4.97
C ALA B 135 1.00 9.56 -6.01
N ASN B 136 0.83 9.11 -7.26
CA ASN B 136 0.36 10.01 -8.30
C ASN B 136 -1.09 10.41 -8.08
N LEU B 137 -1.95 9.44 -7.73
CA LEU B 137 -3.35 9.76 -7.47
C LEU B 137 -3.50 10.77 -6.35
N ALA B 138 -2.60 10.75 -5.37
CA ALA B 138 -2.63 11.72 -4.29
C ALA B 138 -2.29 13.12 -4.81
N VAL B 139 -1.32 13.22 -5.72
CA VAL B 139 -0.94 14.52 -6.27
C VAL B 139 -2.10 15.12 -7.05
N TYR B 140 -2.80 14.28 -7.83
CA TYR B 140 -3.95 14.77 -8.58
C TYR B 140 -5.05 15.25 -7.65
N THR B 141 -5.35 14.46 -6.60
CA THR B 141 -6.40 14.84 -5.67
C THR B 141 -6.05 16.12 -4.93
N ALA B 142 -4.77 16.32 -4.62
CA ALA B 142 -4.36 17.48 -3.85
C ALA B 142 -4.47 18.76 -4.65
N LEU B 143 -3.97 18.76 -5.88
CA LEU B 143 -3.83 19.97 -6.67
C LEU B 143 -4.97 20.19 -7.66
N LEU B 144 -5.73 19.16 -8.00
CA LEU B 144 -6.72 19.25 -9.06
C LEU B 144 -8.11 18.94 -8.52
N GLN B 145 -9.12 19.43 -9.24
CA GLN B 145 -10.52 19.10 -9.01
C GLN B 145 -10.91 17.89 -9.86
N PRO B 146 -11.98 17.19 -9.48
CA PRO B 146 -12.47 16.10 -10.33
C PRO B 146 -12.74 16.60 -11.74
N HIS B 147 -12.33 15.80 -12.72
CA HIS B 147 -12.44 16.07 -14.15
C HIS B 147 -11.58 17.24 -14.61
N ASP B 148 -10.62 17.68 -13.79
CA ASP B 148 -9.64 18.64 -14.27
C ASP B 148 -8.70 17.96 -15.26
N ARG B 149 -8.04 18.76 -16.07
CA ARG B 149 -7.32 18.27 -17.23
C ARG B 149 -5.90 17.85 -16.88
N ILE B 150 -5.46 16.75 -17.48
CA ILE B 150 -4.15 16.15 -17.22
C ILE B 150 -3.56 15.69 -18.55
N MET B 151 -2.26 15.89 -18.73
CA MET B 151 -1.56 15.43 -19.92
C MET B 151 -0.41 14.52 -19.52
N GLY B 152 -0.38 13.31 -20.08
CA GLY B 152 0.69 12.38 -19.82
C GLY B 152 1.07 11.62 -21.08
N LEU B 153 2.27 11.03 -21.05
CA LEU B 153 2.72 10.21 -22.17
C LEU B 153 1.88 8.95 -22.25
N ASP B 154 1.44 8.62 -23.46
CA ASP B 154 0.51 7.50 -23.62
C ASP B 154 1.19 6.17 -23.27
N LEU B 155 0.38 5.21 -22.85
CA LEU B 155 0.91 3.92 -22.41
C LEU B 155 1.65 3.19 -23.52
N PRO B 156 1.13 3.06 -24.75
CA PRO B 156 1.93 2.43 -25.82
C PRO B 156 3.13 3.27 -26.24
N ASP B 157 3.21 4.53 -25.84
CA ASP B 157 4.36 5.38 -26.13
C ASP B 157 5.37 5.40 -25.00
N GLY B 158 5.28 4.47 -24.05
CA GLY B 158 6.20 4.39 -22.95
C GLY B 158 5.71 4.97 -21.64
N GLY B 159 4.47 5.44 -21.57
CA GLY B 159 3.93 5.97 -20.35
C GLY B 159 3.38 4.89 -19.44
N HIS B 160 2.96 5.32 -18.25
CA HIS B 160 2.37 4.43 -17.27
C HIS B 160 0.86 4.65 -17.19
N LEU B 161 0.16 3.67 -16.62
CA LEU B 161 -1.29 3.76 -16.48
C LEU B 161 -1.69 5.00 -15.70
N THR B 162 -1.05 5.23 -14.54
CA THR B 162 -1.42 6.32 -13.67
C THR B 162 -1.18 7.71 -14.27
N HIS B 163 -0.62 7.79 -15.47
CA HIS B 163 -0.43 9.05 -16.17
C HIS B 163 -1.65 9.47 -16.98
N GLY B 164 -2.76 8.73 -16.86
CA GLY B 164 -3.96 9.04 -17.58
C GLY B 164 -4.05 8.28 -18.89
N TYR B 165 -4.61 7.07 -18.84
CA TYR B 165 -4.67 6.20 -20.01
C TYR B 165 -6.10 5.75 -20.24
N MET B 166 -6.67 6.16 -21.36
CA MET B 166 -7.92 5.62 -21.88
C MET B 166 -7.62 4.88 -23.18
N SER B 167 -8.38 3.82 -23.43
CA SER B 167 -8.33 3.18 -24.74
C SER B 167 -9.21 3.98 -25.69
N ASP B 168 -9.87 3.29 -26.62
CA ASP B 168 -10.91 3.90 -27.43
C ASP B 168 -12.28 3.33 -27.09
N VAL B 169 -12.37 2.50 -26.05
CA VAL B 169 -13.61 1.88 -25.61
C VAL B 169 -13.89 2.20 -24.14
N LYS B 170 -12.89 2.03 -23.28
CA LYS B 170 -13.06 2.13 -21.84
C LYS B 170 -12.00 3.07 -21.26
N ARG B 171 -12.37 3.75 -20.17
CA ARG B 171 -11.41 4.47 -19.35
C ARG B 171 -10.69 3.46 -18.47
N ILE B 172 -9.39 3.29 -18.69
CA ILE B 172 -8.63 2.22 -18.06
C ILE B 172 -8.17 2.65 -16.67
N SER B 173 -7.25 3.60 -16.59
CA SER B 173 -6.76 4.06 -15.31
C SER B 173 -7.82 4.89 -14.59
N ALA B 174 -7.82 4.78 -13.25
CA ALA B 174 -8.70 5.62 -12.45
C ALA B 174 -8.32 7.09 -12.58
N THR B 175 -7.08 7.39 -12.96
CA THR B 175 -6.69 8.78 -13.18
C THR B 175 -7.44 9.38 -14.36
N SER B 176 -7.88 8.54 -15.30
CA SER B 176 -8.66 9.00 -16.43
C SER B 176 -10.17 8.96 -16.17
N ILE B 177 -10.60 8.35 -15.07
CA ILE B 177 -12.01 8.37 -14.67
C ILE B 177 -12.33 9.61 -13.83
N PHE B 178 -11.51 9.87 -12.81
CA PHE B 178 -11.71 11.02 -11.95
C PHE B 178 -11.15 12.31 -12.52
N PHE B 179 -10.32 12.22 -13.57
CA PHE B 179 -9.78 13.40 -14.23
C PHE B 179 -9.81 13.17 -15.73
N GLU B 180 -9.80 14.26 -16.49
CA GLU B 180 -9.79 14.20 -17.94
C GLU B 180 -8.35 14.23 -18.43
N SER B 181 -7.93 13.17 -19.10
CA SER B 181 -6.55 13.01 -19.54
C SER B 181 -6.48 13.00 -21.06
N MET B 182 -5.57 13.78 -21.61
CA MET B 182 -5.25 13.75 -23.04
C MET B 182 -3.80 13.35 -23.20
N PRO B 183 -3.49 12.31 -23.95
CA PRO B 183 -2.10 11.85 -24.07
C PRO B 183 -1.30 12.69 -25.06
N TYR B 184 -0.04 12.93 -24.71
CA TYR B 184 0.92 13.44 -25.67
C TYR B 184 1.77 12.27 -26.15
N LYS B 185 1.90 12.15 -27.47
CA LYS B 185 2.65 11.08 -28.10
C LYS B 185 4.06 11.56 -28.36
N LEU B 186 4.80 10.79 -29.16
CA LEU B 186 6.16 11.19 -29.52
C LEU B 186 6.50 10.70 -30.91
N ASN B 187 7.33 11.47 -31.59
CA ASN B 187 7.72 11.29 -32.99
C ASN B 187 8.02 9.83 -33.30
N PRO B 188 7.25 9.18 -34.17
CA PRO B 188 7.50 7.77 -34.50
C PRO B 188 8.79 7.53 -35.28
N LYS B 189 9.58 8.58 -35.49
CA LYS B 189 10.86 8.53 -36.18
C LYS B 189 12.01 8.96 -35.28
N THR B 190 11.78 9.95 -34.42
CA THR B 190 12.78 10.41 -33.48
C THR B 190 13.00 9.40 -32.37
N GLY B 191 11.93 8.80 -31.85
CA GLY B 191 12.00 7.97 -30.66
C GLY B 191 11.95 8.74 -29.34
N LEU B 192 12.23 10.04 -29.36
CA LEU B 192 12.22 10.92 -28.20
C LEU B 192 10.93 11.72 -28.17
N ILE B 193 10.47 12.07 -26.96
CA ILE B 193 9.11 12.52 -26.85
C ILE B 193 8.93 13.79 -27.68
N ASP B 194 7.78 13.93 -28.31
CA ASP B 194 7.49 15.00 -29.27
C ASP B 194 7.13 16.26 -28.48
N TYR B 195 8.18 16.95 -27.99
CA TYR B 195 7.93 18.19 -27.28
C TYR B 195 7.29 19.24 -28.18
N ASN B 196 7.39 19.07 -29.50
CA ASN B 196 6.68 19.92 -30.46
C ASN B 196 5.18 19.75 -30.30
N GLN B 197 4.68 18.55 -30.62
CA GLN B 197 3.24 18.31 -30.58
C GLN B 197 2.67 18.49 -29.18
N LEU B 198 3.48 18.23 -28.16
CA LEU B 198 3.03 18.46 -26.78
C LEU B 198 2.77 19.94 -26.54
N ALA B 199 3.58 20.81 -27.13
CA ALA B 199 3.45 22.24 -26.89
C ALA B 199 2.16 22.79 -27.48
N LEU B 200 1.87 22.46 -28.74
CA LEU B 200 0.67 22.97 -29.40
C LEU B 200 -0.59 22.42 -28.75
N THR B 201 -0.62 21.10 -28.48
CA THR B 201 -1.81 20.49 -27.91
C THR B 201 -2.04 20.93 -26.46
N ALA B 202 -0.97 21.31 -25.75
CA ALA B 202 -1.16 21.85 -24.41
C ALA B 202 -1.87 23.19 -24.43
N ARG B 203 -1.73 23.95 -25.52
CA ARG B 203 -2.48 25.19 -25.65
C ARG B 203 -3.92 24.94 -26.07
N LEU B 204 -4.21 23.81 -26.70
CA LEU B 204 -5.57 23.44 -27.07
C LEU B 204 -6.29 22.75 -25.92
N PHE B 205 -5.67 21.73 -25.34
CA PHE B 205 -6.27 21.00 -24.22
C PHE B 205 -6.34 21.85 -22.96
N ARG B 206 -5.40 22.78 -22.80
CA ARG B 206 -5.33 23.64 -21.62
C ARG B 206 -5.31 22.82 -20.32
N PRO B 207 -4.28 22.01 -20.10
CA PRO B 207 -4.27 21.13 -18.93
C PRO B 207 -3.88 21.88 -17.67
N ARG B 208 -4.28 21.31 -16.54
CA ARG B 208 -3.89 21.81 -15.24
C ARG B 208 -2.59 21.21 -14.73
N LEU B 209 -2.18 20.08 -15.29
CA LEU B 209 -0.98 19.38 -14.83
C LEU B 209 -0.47 18.48 -15.94
N ILE B 210 0.85 18.48 -16.13
CA ILE B 210 1.52 17.67 -17.14
C ILE B 210 2.56 16.79 -16.45
N ILE B 211 2.54 15.49 -16.74
CA ILE B 211 3.41 14.52 -16.11
C ILE B 211 4.61 14.26 -17.02
N ALA B 212 5.80 14.57 -16.52
CA ALA B 212 7.06 14.24 -17.22
C ALA B 212 7.66 13.01 -16.56
N GLY B 213 7.12 11.86 -16.93
CA GLY B 213 7.59 10.59 -16.38
C GLY B 213 7.38 9.49 -17.39
N THR B 214 8.20 8.45 -17.30
CA THR B 214 8.22 7.39 -18.29
C THR B 214 8.21 6.02 -17.62
N SER B 215 7.70 5.04 -18.36
CA SER B 215 7.74 3.64 -17.97
C SER B 215 8.53 2.78 -18.95
N ALA B 216 8.60 3.17 -20.23
CA ALA B 216 9.36 2.46 -21.26
C ALA B 216 9.93 3.51 -22.23
N TYR B 217 11.02 4.12 -21.80
CA TYR B 217 11.64 5.21 -22.56
C TYR B 217 13.12 5.24 -22.22
N ALA B 218 13.97 5.00 -23.22
CA ALA B 218 15.38 4.74 -22.99
C ALA B 218 16.25 6.00 -22.98
N ARG B 219 15.67 7.17 -23.21
CA ARG B 219 16.43 8.40 -23.27
C ARG B 219 16.00 9.33 -22.14
N LEU B 220 16.62 10.51 -22.09
CA LEU B 220 16.38 11.46 -21.02
C LEU B 220 15.19 12.35 -21.36
N ILE B 221 14.74 13.11 -20.36
CA ILE B 221 13.60 14.01 -20.51
C ILE B 221 14.10 15.44 -20.36
N ASP B 222 13.72 16.31 -21.29
CA ASP B 222 14.02 17.74 -21.19
C ASP B 222 13.00 18.36 -20.24
N TYR B 223 13.29 18.28 -18.94
CA TYR B 223 12.40 18.86 -17.95
C TYR B 223 12.34 20.38 -18.04
N ALA B 224 13.38 21.02 -18.59
CA ALA B 224 13.31 22.46 -18.84
C ALA B 224 12.32 22.76 -19.95
N ARG B 225 12.26 21.90 -20.96
CA ARG B 225 11.22 22.01 -21.97
C ARG B 225 9.85 21.73 -21.35
N MET B 226 9.77 20.75 -20.46
CA MET B 226 8.50 20.43 -19.82
C MET B 226 8.03 21.55 -18.90
N ARG B 227 8.96 22.29 -18.29
CA ARG B 227 8.58 23.38 -17.41
C ARG B 227 8.11 24.60 -18.21
N GLU B 228 8.73 24.87 -19.36
CA GLU B 228 8.38 26.05 -20.12
C GLU B 228 7.04 25.90 -20.85
N VAL B 229 6.66 24.67 -21.21
CA VAL B 229 5.31 24.47 -21.72
C VAL B 229 4.31 24.54 -20.59
N CYS B 230 4.68 24.08 -19.40
CA CYS B 230 3.80 24.16 -18.24
C CYS B 230 3.62 25.60 -17.78
N ASP B 231 4.69 26.40 -17.84
CA ASP B 231 4.57 27.81 -17.47
C ASP B 231 3.74 28.59 -18.48
N GLU B 232 3.72 28.14 -19.74
CA GLU B 232 2.95 28.84 -20.76
C GLU B 232 1.46 28.60 -20.58
N VAL B 233 1.06 27.34 -20.45
CA VAL B 233 -0.35 26.98 -20.33
C VAL B 233 -0.78 27.05 -18.87
N LYS B 234 0.11 27.54 -18.01
CA LYS B 234 -0.03 27.51 -16.56
C LYS B 234 -0.56 26.16 -16.10
N ALA B 235 0.33 25.16 -16.08
CA ALA B 235 0.01 23.83 -15.58
C ALA B 235 1.12 23.40 -14.63
N HIS B 236 0.76 22.58 -13.65
CA HIS B 236 1.76 22.00 -12.76
C HIS B 236 2.59 20.98 -13.53
N LEU B 237 3.91 21.03 -13.33
CA LEU B 237 4.81 20.03 -13.88
C LEU B 237 5.12 19.02 -12.79
N LEU B 238 4.56 17.83 -12.92
CA LEU B 238 4.84 16.72 -12.02
C LEU B 238 5.80 15.75 -12.69
N ALA B 239 6.90 15.45 -12.03
CA ALA B 239 7.90 14.51 -12.53
C ALA B 239 7.74 13.18 -11.79
N ASP B 240 7.49 12.12 -12.55
CA ASP B 240 7.36 10.77 -11.99
C ASP B 240 8.64 10.01 -12.32
N MET B 241 9.69 10.32 -11.57
CA MET B 241 11.01 9.72 -11.76
C MET B 241 11.05 8.29 -11.23
N ALA B 242 9.90 7.62 -11.22
CA ALA B 242 9.80 6.29 -10.63
C ALA B 242 10.86 5.34 -11.18
N HIS B 243 11.13 5.41 -12.48
CA HIS B 243 12.05 4.48 -13.08
C HIS B 243 13.50 4.92 -12.92
N ILE B 244 13.74 6.21 -12.76
CA ILE B 244 15.10 6.74 -12.75
C ILE B 244 15.39 7.35 -11.39
N SER B 245 14.71 6.87 -10.35
CA SER B 245 14.86 7.46 -9.03
C SER B 245 16.28 7.30 -8.51
N GLY B 246 16.79 6.07 -8.53
CA GLY B 246 18.15 5.84 -8.05
C GLY B 246 19.19 6.58 -8.86
N LEU B 247 18.94 6.79 -10.15
CA LEU B 247 19.90 7.51 -10.99
C LEU B 247 19.92 8.99 -10.65
N VAL B 248 18.76 9.56 -10.31
CA VAL B 248 18.71 10.96 -9.89
C VAL B 248 19.34 11.10 -8.51
N ALA B 249 19.15 10.10 -7.64
CA ALA B 249 19.70 10.18 -6.30
C ALA B 249 21.23 10.17 -6.33
N ALA B 250 21.82 9.36 -7.20
CA ALA B 250 23.26 9.28 -7.33
C ALA B 250 23.85 10.40 -8.17
N LYS B 251 23.04 11.39 -8.55
CA LYS B 251 23.49 12.56 -9.30
C LYS B 251 24.20 12.16 -10.60
N VAL B 252 23.70 11.11 -11.24
CA VAL B 252 24.27 10.65 -12.50
C VAL B 252 23.62 11.39 -13.65
N ILE B 253 22.32 11.18 -13.83
CA ILE B 253 21.56 11.86 -14.89
C ILE B 253 21.04 13.18 -14.33
N PRO B 254 20.64 14.13 -15.17
CA PRO B 254 20.08 15.39 -14.66
C PRO B 254 18.86 15.14 -13.78
N SER B 255 18.79 15.89 -12.69
CA SER B 255 17.71 15.75 -11.71
C SER B 255 16.50 16.56 -12.13
N PRO B 256 15.29 16.00 -12.08
CA PRO B 256 14.09 16.79 -12.42
C PRO B 256 13.74 17.83 -11.37
N PHE B 257 14.34 17.76 -10.18
CA PHE B 257 14.01 18.69 -9.10
C PHE B 257 14.44 20.12 -9.40
N LYS B 258 15.23 20.35 -10.44
CA LYS B 258 15.60 21.71 -10.82
C LYS B 258 14.53 22.40 -11.66
N HIS B 259 13.61 21.63 -12.25
CA HIS B 259 12.58 22.18 -13.13
C HIS B 259 11.16 21.92 -12.66
N ALA B 260 10.91 20.81 -11.98
CA ALA B 260 9.56 20.48 -11.53
C ALA B 260 9.30 21.02 -10.13
N ASP B 261 8.01 21.20 -9.83
CA ASP B 261 7.58 21.59 -8.50
C ASP B 261 7.12 20.41 -7.65
N ILE B 262 6.60 19.36 -8.28
CA ILE B 262 6.13 18.17 -7.59
C ILE B 262 6.80 16.97 -8.25
N VAL B 263 7.39 16.10 -7.45
CA VAL B 263 8.06 14.90 -7.95
C VAL B 263 7.56 13.71 -7.15
N THR B 264 7.02 12.71 -7.86
CA THR B 264 6.65 11.43 -7.28
C THR B 264 7.62 10.36 -7.74
N THR B 265 7.72 9.29 -6.96
CA THR B 265 8.64 8.23 -7.33
C THR B 265 8.25 6.93 -6.64
N THR B 266 8.77 5.85 -7.20
CA THR B 266 8.76 4.55 -6.55
C THR B 266 9.94 4.43 -5.60
N THR B 267 9.74 3.70 -4.50
CA THR B 267 10.85 3.41 -3.60
C THR B 267 11.60 2.15 -3.98
N HIS B 268 11.02 1.28 -4.82
CA HIS B 268 11.80 0.21 -5.42
C HIS B 268 12.32 0.67 -6.78
N LYS B 269 12.37 -0.24 -7.75
CA LYS B 269 12.97 0.02 -9.06
C LYS B 269 14.44 0.36 -8.83
N THR B 270 14.94 1.51 -9.27
CA THR B 270 16.36 1.80 -9.12
C THR B 270 16.74 2.16 -7.70
N LEU B 271 15.79 2.61 -6.87
CA LEU B 271 16.13 2.91 -5.48
C LEU B 271 16.39 1.66 -4.67
N ARG B 272 15.98 0.49 -5.17
CA ARG B 272 16.32 -0.80 -4.56
C ARG B 272 15.81 -0.90 -3.12
N GLY B 273 14.58 -0.47 -2.91
CA GLY B 273 14.01 -0.51 -1.57
C GLY B 273 12.75 -1.36 -1.51
N ALA B 274 12.01 -1.24 -0.41
CA ALA B 274 10.73 -1.92 -0.31
C ALA B 274 9.70 -1.21 -1.18
N ARG B 275 8.55 -1.86 -1.34
CA ARG B 275 7.49 -1.32 -2.18
C ARG B 275 6.78 -0.22 -1.40
N SER B 276 6.90 1.01 -1.90
CA SER B 276 6.29 2.20 -1.31
C SER B 276 6.40 3.31 -2.33
N GLY B 277 5.93 4.50 -1.96
CA GLY B 277 6.03 5.65 -2.82
C GLY B 277 6.37 6.89 -2.04
N LEU B 278 6.83 7.91 -2.76
CA LEU B 278 7.17 9.18 -2.14
C LEU B 278 6.67 10.31 -3.03
N ILE B 279 6.26 11.40 -2.40
CA ILE B 279 5.79 12.60 -3.08
C ILE B 279 6.67 13.76 -2.64
N PHE B 280 7.52 14.23 -3.53
CA PHE B 280 8.32 15.43 -3.27
C PHE B 280 7.57 16.64 -3.78
N TYR B 281 7.50 17.68 -2.94
CA TYR B 281 6.80 18.90 -3.30
C TYR B 281 7.66 20.11 -2.93
N ARG B 282 7.53 21.17 -3.71
CA ARG B 282 8.23 22.41 -3.40
C ARG B 282 7.57 23.12 -2.23
N LYS B 283 8.40 23.78 -1.42
CA LYS B 283 7.95 24.40 -0.18
C LYS B 283 8.63 25.75 -0.03
N GLY B 284 7.99 26.63 0.71
CA GLY B 284 8.53 27.95 0.97
C GLY B 284 7.97 29.01 0.04
N VAL B 285 8.65 30.14 0.02
CA VAL B 285 8.21 31.29 -0.76
C VAL B 285 8.55 31.08 -2.22
N LYS B 286 7.55 31.22 -3.09
CA LYS B 286 7.75 31.15 -4.52
C LYS B 286 8.14 32.51 -5.11
N ALA B 287 7.53 33.58 -4.62
CA ALA B 287 7.82 34.92 -5.10
C ALA B 287 7.54 35.96 -4.02
N PRO B 290 5.30 41.03 -7.33
CA PRO B 290 5.07 41.04 -5.89
C PRO B 290 4.87 42.44 -5.33
N LYS B 291 4.61 43.41 -6.22
CA LYS B 291 4.41 44.82 -5.86
C LYS B 291 5.67 45.30 -5.13
N THR B 292 5.53 46.15 -4.12
CA THR B 292 6.66 46.56 -3.28
C THR B 292 6.67 45.84 -1.95
N GLY B 293 5.65 45.02 -1.65
CA GLY B 293 5.60 44.28 -0.41
C GLY B 293 4.59 43.15 -0.44
N ARG B 294 5.06 41.94 -0.72
CA ARG B 294 4.20 40.76 -0.77
C ARG B 294 5.04 39.48 -0.85
N GLU B 295 4.77 38.54 0.06
CA GLU B 295 5.39 37.22 0.04
C GLU B 295 4.36 36.21 -0.44
N ILE B 296 4.71 35.46 -1.49
CA ILE B 296 3.79 34.58 -2.18
C ILE B 296 4.30 33.15 -2.03
N PRO B 297 3.77 32.39 -1.07
CA PRO B 297 4.34 31.08 -0.76
C PRO B 297 3.76 29.96 -1.61
N TYR B 298 4.54 28.88 -1.71
CA TYR B 298 4.05 27.65 -2.31
C TYR B 298 2.95 27.05 -1.42
N THR B 299 1.95 26.45 -2.06
CA THR B 299 0.80 25.89 -1.36
C THR B 299 0.67 24.38 -1.61
N PHE B 300 1.77 23.72 -1.94
CA PHE B 300 1.71 22.30 -2.26
C PHE B 300 1.65 21.44 -1.00
N GLU B 301 2.39 21.83 0.04
CA GLU B 301 2.63 20.94 1.18
C GLU B 301 1.33 20.52 1.85
N ASP B 302 0.55 21.49 2.32
CA ASP B 302 -0.66 21.16 3.07
C ASP B 302 -1.68 20.43 2.21
N ARG B 303 -1.75 20.74 0.92
CA ARG B 303 -2.68 20.04 0.04
C ARG B 303 -2.23 18.61 -0.20
N ILE B 304 -0.94 18.43 -0.52
CA ILE B 304 -0.41 17.09 -0.79
C ILE B 304 -0.59 16.20 0.44
N ASN B 305 -0.20 16.69 1.62
CA ASN B 305 -0.31 15.89 2.82
C ASN B 305 -1.77 15.57 3.16
N PHE B 306 -2.70 16.47 2.86
CA PHE B 306 -4.11 16.18 3.13
C PHE B 306 -4.67 15.14 2.18
N ALA B 307 -4.19 15.13 0.92
CA ALA B 307 -4.68 14.15 -0.04
C ALA B 307 -4.26 12.73 0.37
N VAL B 308 -3.04 12.58 0.87
CA VAL B 308 -2.57 11.28 1.31
C VAL B 308 -3.36 10.81 2.53
N PHE B 309 -3.47 11.67 3.54
CA PHE B 309 -4.33 11.42 4.70
C PHE B 309 -4.95 12.76 5.09
N PRO B 310 -6.27 12.82 5.33
CA PRO B 310 -7.20 11.68 5.43
C PRO B 310 -7.98 11.34 4.15
N SER B 311 -7.62 11.97 3.03
CA SER B 311 -8.44 11.84 1.82
C SER B 311 -8.40 10.42 1.25
N LEU B 312 -7.20 9.95 0.89
CA LEU B 312 -7.05 8.71 0.14
C LEU B 312 -6.68 7.52 1.02
N GLN B 313 -5.58 7.61 1.75
CA GLN B 313 -5.04 6.49 2.50
C GLN B 313 -5.48 6.52 3.95
N GLY B 314 -5.38 5.35 4.59
CA GLY B 314 -5.67 5.24 6.01
C GLY B 314 -4.40 5.16 6.82
N GLY B 315 -4.25 4.08 7.58
CA GLY B 315 -3.07 3.89 8.40
C GLY B 315 -1.81 3.70 7.58
N PRO B 316 -0.77 4.45 7.91
CA PRO B 316 0.50 4.30 7.18
C PRO B 316 1.13 2.95 7.44
N HIS B 317 1.91 2.49 6.46
CA HIS B 317 2.66 1.24 6.60
C HIS B 317 4.05 1.59 7.12
N ASN B 318 4.14 1.70 8.44
CA ASN B 318 5.38 2.16 9.07
C ASN B 318 6.52 1.18 8.83
N HIS B 319 6.22 -0.09 8.62
CA HIS B 319 7.27 -1.05 8.27
C HIS B 319 7.84 -0.76 6.88
N ALA B 320 6.99 -0.32 5.95
CA ALA B 320 7.49 0.08 4.63
C ALA B 320 8.27 1.39 4.72
N ILE B 321 7.76 2.35 5.48
CA ILE B 321 8.46 3.63 5.64
C ILE B 321 9.85 3.41 6.21
N ALA B 322 9.96 2.51 7.21
CA ALA B 322 11.27 2.20 7.78
C ALA B 322 12.19 1.56 6.75
N ALA B 323 11.67 0.57 6.01
CA ALA B 323 12.46 -0.08 4.98
C ALA B 323 12.88 0.91 3.90
N VAL B 324 12.03 1.89 3.59
CA VAL B 324 12.40 2.92 2.63
C VAL B 324 13.53 3.79 3.19
N ALA B 325 13.45 4.16 4.47
CA ALA B 325 14.49 4.98 5.07
C ALA B 325 15.84 4.26 5.04
N VAL B 326 15.84 2.94 5.25
CA VAL B 326 17.07 2.17 5.15
C VAL B 326 17.62 2.25 3.73
N ALA B 327 16.76 2.07 2.72
CA ALA B 327 17.21 2.11 1.35
C ALA B 327 17.61 3.51 0.93
N LEU B 328 16.99 4.54 1.52
CA LEU B 328 17.37 5.91 1.18
C LEU B 328 18.73 6.27 1.76
N LYS B 329 19.04 5.76 2.96
CA LYS B 329 20.37 5.98 3.52
C LYS B 329 21.45 5.32 2.66
N GLN B 330 21.16 4.12 2.14
CA GLN B 330 22.07 3.48 1.21
C GLN B 330 22.27 4.28 -0.07
N ALA B 331 21.31 5.14 -0.41
CA ALA B 331 21.40 5.95 -1.62
C ALA B 331 22.28 7.18 -1.45
N CYS B 332 22.57 7.58 -0.21
CA CYS B 332 23.46 8.70 0.06
C CYS B 332 24.94 8.29 0.08
N THR B 333 25.22 7.00 -0.07
CA THR B 333 26.56 6.45 0.07
C THR B 333 27.30 6.46 -1.26
N PRO B 334 28.63 6.48 -1.23
CA PRO B 334 29.39 6.34 -2.48
C PRO B 334 29.22 4.99 -3.15
N MET B 335 28.79 3.97 -2.39
CA MET B 335 28.50 2.67 -3.00
C MET B 335 27.37 2.78 -4.01
N PHE B 336 26.35 3.57 -3.70
CA PHE B 336 25.19 3.66 -4.59
C PHE B 336 25.52 4.41 -5.87
N ARG B 337 26.41 5.40 -5.82
CA ARG B 337 26.84 6.06 -7.04
C ARG B 337 27.59 5.11 -7.95
N GLU B 338 28.44 4.25 -7.37
N GLU B 338 28.45 4.25 -7.36
CA GLU B 338 29.13 3.25 -8.18
CA GLU B 338 29.13 3.24 -8.16
C GLU B 338 28.15 2.22 -8.74
C GLU B 338 28.15 2.24 -8.74
N TYR B 339 27.12 1.87 -7.96
CA TYR B 339 26.09 0.98 -8.48
C TYR B 339 25.29 1.67 -9.59
N SER B 340 24.94 2.94 -9.38
CA SER B 340 24.20 3.67 -10.40
C SER B 340 25.05 3.87 -11.65
N LEU B 341 26.31 4.27 -11.49
CA LEU B 341 27.17 4.42 -12.66
C LEU B 341 27.35 3.10 -13.39
N GLN B 342 27.06 1.98 -12.73
CA GLN B 342 27.14 0.68 -13.40
C GLN B 342 25.86 0.33 -14.17
N VAL B 343 24.69 0.78 -13.70
CA VAL B 343 23.48 0.37 -14.41
C VAL B 343 23.45 0.98 -15.81
N LEU B 344 24.11 2.12 -16.01
CA LEU B 344 24.14 2.73 -17.34
C LEU B 344 25.15 2.05 -18.23
N LYS B 345 26.35 1.80 -17.72
CA LYS B 345 27.41 1.24 -18.56
C LYS B 345 27.04 -0.13 -19.11
N ASN B 346 26.22 -0.89 -18.36
CA ASN B 346 25.69 -2.13 -18.91
C ASN B 346 24.45 -1.90 -19.74
N ALA B 347 23.68 -0.86 -19.43
CA ALA B 347 22.62 -0.43 -20.35
C ALA B 347 23.21 -0.04 -21.70
N ARG B 348 24.32 0.70 -21.69
CA ARG B 348 25.05 0.93 -22.94
C ARG B 348 25.62 -0.38 -23.47
N ALA B 349 26.18 -1.22 -22.59
CA ALA B 349 26.70 -2.51 -23.03
C ALA B 349 25.59 -3.38 -23.59
N MET B 350 24.39 -3.31 -23.01
CA MET B 350 23.23 -3.94 -23.63
C MET B 350 22.97 -3.35 -25.01
N ALA B 351 22.92 -2.02 -25.10
CA ALA B 351 22.66 -1.36 -26.38
C ALA B 351 23.73 -1.70 -27.40
N ASP B 352 25.00 -1.66 -27.00
CA ASP B 352 26.08 -1.93 -27.95
C ASP B 352 26.09 -3.40 -28.38
N ALA B 353 25.75 -4.31 -27.46
CA ALA B 353 25.96 -5.73 -27.73
C ALA B 353 25.03 -6.25 -28.82
N LEU B 354 23.78 -5.78 -28.85
CA LEU B 354 22.84 -6.24 -29.86
C LEU B 354 22.65 -5.25 -31.00
N LEU B 355 23.06 -3.99 -30.84
CA LEU B 355 23.25 -3.16 -32.02
C LEU B 355 24.37 -3.73 -32.90
N GLU B 356 25.43 -4.20 -32.26
CA GLU B 356 26.45 -5.01 -32.92
C GLU B 356 26.00 -6.45 -33.14
N ARG B 357 24.70 -6.70 -33.08
CA ARG B 357 24.11 -7.96 -33.55
C ARG B 357 22.98 -7.57 -34.50
N GLY B 358 22.05 -8.49 -34.71
CA GLY B 358 20.96 -8.23 -35.64
C GLY B 358 19.75 -7.58 -35.01
N TYR B 359 19.95 -6.45 -34.33
CA TYR B 359 18.86 -5.75 -33.65
C TYR B 359 19.04 -4.25 -33.77
N SER B 360 17.92 -3.55 -33.81
CA SER B 360 17.90 -2.09 -33.76
C SER B 360 17.14 -1.66 -32.51
N LEU B 361 17.45 -0.45 -32.04
CA LEU B 361 16.89 0.08 -30.80
C LEU B 361 16.17 1.38 -31.07
N VAL B 362 14.96 1.52 -30.52
CA VAL B 362 14.22 2.77 -30.68
C VAL B 362 15.00 3.89 -29.99
N SER B 363 14.84 5.10 -30.52
CA SER B 363 15.58 6.29 -30.08
C SER B 363 17.07 6.19 -30.41
N GLY B 364 17.56 4.98 -30.68
CA GLY B 364 18.93 4.77 -31.08
C GLY B 364 19.88 4.44 -29.94
N GLY B 365 19.44 3.58 -29.02
CA GLY B 365 20.25 3.18 -27.88
C GLY B 365 19.57 3.56 -26.56
N THR B 366 20.37 4.03 -25.61
CA THR B 366 19.86 4.38 -24.30
C THR B 366 20.82 5.32 -23.61
N ASP B 367 20.26 6.20 -22.77
CA ASP B 367 21.03 7.07 -21.88
C ASP B 367 20.66 6.87 -20.42
N ASN B 368 19.88 5.83 -20.10
CA ASN B 368 19.51 5.58 -18.70
C ASN B 368 19.81 4.14 -18.31
N HIS B 369 18.80 3.43 -17.78
CA HIS B 369 18.99 2.10 -17.24
C HIS B 369 18.38 1.00 -18.09
N LEU B 370 17.50 1.33 -19.05
CA LEU B 370 16.81 0.32 -19.83
C LEU B 370 17.09 0.52 -21.31
N VAL B 371 16.96 -0.57 -22.06
CA VAL B 371 17.02 -0.54 -23.52
C VAL B 371 15.68 -0.98 -24.05
N LEU B 372 15.25 -0.36 -25.16
CA LEU B 372 14.00 -0.71 -25.83
C LEU B 372 14.40 -1.35 -27.16
N VAL B 373 14.62 -2.67 -27.14
CA VAL B 373 15.07 -3.34 -28.34
C VAL B 373 13.90 -3.47 -29.31
N ASP B 374 14.07 -2.91 -30.51
CA ASP B 374 13.05 -3.00 -31.54
C ASP B 374 13.25 -4.31 -32.28
N LEU B 375 12.37 -5.28 -32.00
CA LEU B 375 12.47 -6.58 -32.62
C LEU B 375 11.80 -6.61 -33.99
N ARG B 376 11.19 -5.52 -34.43
CA ARG B 376 10.59 -5.49 -35.77
C ARG B 376 11.65 -5.67 -36.85
N PRO B 377 12.74 -4.90 -36.91
CA PRO B 377 13.68 -5.05 -38.04
C PRO B 377 14.42 -6.37 -38.04
N LYS B 378 14.28 -7.18 -36.99
CA LYS B 378 14.82 -8.53 -36.96
C LYS B 378 13.74 -9.58 -37.22
N GLY B 379 12.57 -9.17 -37.69
CA GLY B 379 11.50 -10.09 -37.99
C GLY B 379 10.88 -10.75 -36.77
N LEU B 380 10.96 -10.12 -35.60
CA LEU B 380 10.41 -10.68 -34.38
C LEU B 380 9.40 -9.73 -33.77
N ASP B 381 8.60 -10.26 -32.85
CA ASP B 381 7.59 -9.48 -32.13
C ASP B 381 7.91 -9.50 -30.64
N GLY B 382 7.20 -8.66 -29.88
CA GLY B 382 7.45 -8.58 -28.46
C GLY B 382 6.87 -9.77 -27.71
N ALA B 383 5.62 -10.13 -28.02
CA ALA B 383 4.99 -11.28 -27.36
C ALA B 383 5.69 -12.58 -27.71
N ARG B 384 6.39 -12.65 -28.85
CA ARG B 384 7.11 -13.85 -29.21
C ARG B 384 8.30 -14.09 -28.29
N ALA B 385 9.18 -13.09 -28.18
CA ALA B 385 10.43 -13.28 -27.45
C ALA B 385 10.20 -13.41 -25.95
N GLU B 386 9.24 -12.66 -25.41
CA GLU B 386 9.02 -12.66 -23.96
C GLU B 386 8.67 -14.06 -23.46
N ARG B 387 7.76 -14.75 -24.15
CA ARG B 387 7.39 -16.09 -23.74
C ARG B 387 8.55 -17.06 -23.88
N VAL B 388 9.37 -16.88 -24.91
CA VAL B 388 10.53 -17.75 -25.10
C VAL B 388 11.57 -17.49 -24.03
N LEU B 389 11.91 -16.21 -23.81
CA LEU B 389 12.91 -15.87 -22.81
C LEU B 389 12.46 -16.28 -21.40
N GLU B 390 11.16 -16.22 -21.13
CA GLU B 390 10.67 -16.60 -19.81
C GLU B 390 10.91 -18.08 -19.52
N LEU B 391 10.69 -18.94 -20.52
CA LEU B 391 10.81 -20.37 -20.31
C LEU B 391 12.26 -20.80 -20.09
N VAL B 392 13.23 -19.96 -20.41
CA VAL B 392 14.62 -20.27 -20.16
C VAL B 392 15.17 -19.43 -18.99
N SER B 393 14.26 -18.84 -18.19
CA SER B 393 14.58 -18.10 -16.97
C SER B 393 15.18 -16.73 -17.27
N ILE B 394 14.69 -16.06 -18.31
CA ILE B 394 15.02 -14.68 -18.61
C ILE B 394 13.71 -13.90 -18.59
N THR B 395 13.47 -13.16 -17.51
CA THR B 395 12.22 -12.43 -17.35
C THR B 395 12.33 -11.10 -18.09
N ALA B 396 11.52 -10.95 -19.13
CA ALA B 396 11.40 -9.67 -19.83
C ALA B 396 9.93 -9.32 -20.00
N ASN B 397 9.64 -8.28 -20.76
CA ASN B 397 8.26 -7.89 -21.02
C ASN B 397 8.17 -7.20 -22.37
N LYS B 398 7.06 -7.43 -23.06
CA LYS B 398 6.87 -6.84 -24.38
C LYS B 398 6.65 -5.34 -24.28
N ASN B 399 7.16 -4.61 -25.27
CA ASN B 399 6.98 -3.17 -25.34
C ASN B 399 6.55 -2.79 -26.75
N THR B 400 5.83 -1.68 -26.84
CA THR B 400 5.32 -1.18 -28.12
C THR B 400 6.29 -0.12 -28.66
N CYS B 401 7.03 -0.47 -29.70
CA CYS B 401 7.93 0.47 -30.33
C CYS B 401 7.12 1.44 -31.20
N PRO B 402 7.71 2.60 -31.54
CA PRO B 402 6.94 3.60 -32.32
C PRO B 402 6.40 3.08 -33.65
N GLY B 403 7.17 2.31 -34.40
CA GLY B 403 6.60 1.77 -35.61
C GLY B 403 5.91 0.44 -35.46
N ASP B 404 5.63 0.02 -34.23
CA ASP B 404 4.83 -1.17 -34.01
C ASP B 404 3.39 -0.89 -34.42
N ARG B 405 2.71 -1.95 -34.88
CA ARG B 405 1.27 -1.88 -35.14
C ARG B 405 0.59 -2.99 -34.35
N SER B 406 -0.60 -3.39 -34.78
CA SER B 406 -1.31 -4.51 -34.15
C SER B 406 -2.42 -5.02 -35.05
N ILE B 408 -1.60 -6.49 -29.43
CA ILE B 408 -1.62 -7.83 -28.86
C ILE B 408 -0.30 -8.53 -29.14
N THR B 409 0.20 -8.34 -30.35
CA THR B 409 1.52 -8.83 -30.73
C THR B 409 2.43 -7.63 -31.00
N PRO B 410 2.93 -6.97 -29.97
CA PRO B 410 3.73 -5.76 -30.18
C PRO B 410 5.10 -6.10 -30.74
N GLY B 411 5.80 -5.06 -31.19
CA GLY B 411 7.12 -5.23 -31.77
C GLY B 411 8.22 -4.59 -30.96
N GLY B 412 8.78 -5.32 -30.01
CA GLY B 412 9.85 -4.82 -29.19
C GLY B 412 9.82 -5.45 -27.82
N LEU B 413 10.97 -5.39 -27.14
CA LEU B 413 11.12 -5.95 -25.80
C LEU B 413 11.72 -4.90 -24.88
N ARG B 414 11.36 -4.99 -23.61
CA ARG B 414 11.79 -4.06 -22.58
C ARG B 414 12.82 -4.76 -21.70
N LEU B 415 14.06 -4.29 -21.74
CA LEU B 415 15.17 -4.91 -21.03
C LEU B 415 15.83 -3.88 -20.13
N GLY B 416 15.98 -4.23 -18.85
CA GLY B 416 16.53 -3.34 -17.85
C GLY B 416 17.84 -3.85 -17.27
N ALA B 417 18.51 -2.96 -16.55
CA ALA B 417 19.81 -3.22 -15.95
C ALA B 417 19.80 -3.35 -14.42
N PRO B 418 19.06 -2.51 -13.67
CA PRO B 418 19.31 -2.43 -12.22
C PRO B 418 19.22 -3.76 -11.48
N ALA B 419 18.45 -4.71 -11.96
CA ALA B 419 18.28 -5.97 -11.24
C ALA B 419 19.58 -6.76 -11.19
N LEU B 420 20.13 -7.11 -12.35
CA LEU B 420 21.35 -7.89 -12.37
C LEU B 420 22.55 -7.07 -11.92
N THR B 421 22.53 -5.75 -12.16
CA THR B 421 23.62 -4.90 -11.70
C THR B 421 23.78 -4.98 -10.18
N SER B 422 22.66 -5.17 -9.45
CA SER B 422 22.75 -5.37 -8.01
C SER B 422 23.33 -6.71 -7.64
N ARG B 423 23.41 -7.65 -8.59
CA ARG B 423 24.12 -8.90 -8.40
C ARG B 423 25.59 -8.79 -8.81
N GLN B 424 26.15 -7.58 -8.78
CA GLN B 424 27.54 -7.33 -9.16
C GLN B 424 27.82 -7.69 -10.62
N PHE B 425 26.81 -7.56 -11.46
CA PHE B 425 27.00 -7.76 -12.90
C PHE B 425 27.82 -6.61 -13.48
N ARG B 426 28.72 -6.94 -14.40
CA ARG B 426 29.53 -5.96 -15.09
C ARG B 426 29.37 -6.15 -16.59
N GLU B 427 30.08 -5.31 -17.37
CA GLU B 427 29.82 -5.23 -18.81
C GLU B 427 29.98 -6.58 -19.49
N ASP B 428 31.05 -7.32 -19.17
CA ASP B 428 31.24 -8.63 -19.79
C ASP B 428 30.13 -9.60 -19.42
N ASP B 429 29.57 -9.46 -18.22
CA ASP B 429 28.47 -10.33 -17.83
C ASP B 429 27.20 -10.01 -18.60
N PHE B 430 26.98 -8.74 -18.94
CA PHE B 430 25.78 -8.35 -19.66
C PHE B 430 25.88 -8.68 -21.14
N ARG B 431 27.07 -8.54 -21.74
CA ARG B 431 27.27 -8.96 -23.12
C ARG B 431 27.04 -10.45 -23.31
N ARG B 432 27.22 -11.24 -22.25
CA ARG B 432 26.98 -12.68 -22.34
C ARG B 432 25.50 -13.00 -22.29
N VAL B 433 24.74 -12.21 -21.51
CA VAL B 433 23.29 -12.36 -21.45
C VAL B 433 22.68 -12.02 -22.80
N VAL B 434 23.22 -10.99 -23.45
CA VAL B 434 22.78 -10.64 -24.79
C VAL B 434 22.96 -11.84 -25.73
N ASP B 435 24.05 -12.58 -25.54
CA ASP B 435 24.23 -13.82 -26.32
C ASP B 435 23.22 -14.86 -25.91
N PHE B 436 22.87 -14.92 -24.62
CA PHE B 436 21.79 -15.80 -24.18
C PHE B 436 20.46 -15.35 -24.75
N ILE B 437 20.24 -14.03 -24.84
CA ILE B 437 19.03 -13.50 -25.45
C ILE B 437 19.01 -13.81 -26.94
N ASP B 438 20.09 -13.46 -27.64
CA ASP B 438 20.17 -13.70 -29.08
C ASP B 438 19.88 -15.17 -29.41
N GLU B 439 20.38 -16.08 -28.58
CA GLU B 439 20.07 -17.50 -28.79
C GLU B 439 18.59 -17.77 -28.61
N GLY B 440 17.98 -17.16 -27.59
CA GLY B 440 16.55 -17.35 -27.38
C GLY B 440 15.71 -16.76 -28.50
N VAL B 441 16.12 -15.61 -29.02
CA VAL B 441 15.40 -14.99 -30.13
C VAL B 441 15.46 -15.89 -31.36
N ASN B 442 16.64 -16.43 -31.68
CA ASN B 442 16.77 -17.29 -32.85
C ASN B 442 16.10 -18.64 -32.67
N ILE B 443 15.76 -19.00 -31.42
CA ILE B 443 14.86 -20.14 -31.21
C ILE B 443 13.44 -19.75 -31.57
N GLY B 444 13.00 -18.58 -31.10
CA GLY B 444 11.67 -18.10 -31.44
C GLY B 444 11.53 -17.78 -32.92
N LEU B 445 12.54 -17.11 -33.50
CA LEU B 445 12.50 -16.82 -34.92
C LEU B 445 12.47 -18.09 -35.76
N GLU B 446 13.04 -19.18 -35.23
CA GLU B 446 12.94 -20.46 -35.93
C GLU B 446 11.59 -21.12 -35.71
N VAL B 447 11.01 -20.96 -34.51
CA VAL B 447 9.69 -21.53 -34.25
C VAL B 447 8.61 -20.70 -34.94
N LYS B 448 8.80 -19.38 -34.99
CA LYS B 448 7.79 -18.52 -35.62
C LYS B 448 7.63 -18.85 -37.10
N SER B 449 8.74 -19.10 -37.80
CA SER B 449 8.66 -19.49 -39.20
C SER B 449 8.12 -20.91 -39.37
N LYS B 450 8.11 -21.70 -38.30
CA LYS B 450 7.51 -23.04 -38.32
C LYS B 450 6.10 -23.05 -37.74
N THR B 451 5.60 -21.92 -37.24
CA THR B 451 4.25 -21.84 -36.72
C THR B 451 3.46 -20.75 -37.45
N ALA B 452 2.49 -20.15 -36.78
CA ALA B 452 1.68 -19.12 -37.40
C ALA B 452 1.32 -18.01 -36.42
N LYS B 453 0.20 -18.16 -35.72
CA LYS B 453 -0.28 -17.12 -34.81
C LYS B 453 0.46 -17.21 -33.48
N LEU B 454 0.05 -16.36 -32.53
CA LEU B 454 0.69 -16.34 -31.22
C LEU B 454 0.28 -17.56 -30.39
N GLN B 455 -0.98 -17.99 -30.52
CA GLN B 455 -1.41 -19.19 -29.80
C GLN B 455 -0.65 -20.42 -30.26
N ASP B 456 -0.26 -20.48 -31.54
CA ASP B 456 0.56 -21.58 -32.02
C ASP B 456 2.03 -21.39 -31.68
N PHE B 457 2.49 -20.14 -31.56
CA PHE B 457 3.88 -19.88 -31.23
C PHE B 457 4.18 -20.23 -29.78
N LYS B 458 3.51 -19.55 -28.84
CA LYS B 458 3.62 -19.90 -27.43
C LYS B 458 3.29 -21.37 -27.20
N SER B 459 2.55 -21.99 -28.11
CA SER B 459 2.33 -23.43 -28.08
C SER B 459 3.63 -24.18 -28.38
N PHE B 460 4.10 -24.12 -29.63
CA PHE B 460 5.25 -24.90 -30.06
C PHE B 460 6.50 -24.65 -29.23
N LEU B 461 6.51 -23.61 -28.40
CA LEU B 461 7.62 -23.42 -27.48
C LEU B 461 7.67 -24.53 -26.43
N LEU B 462 6.52 -25.15 -26.13
CA LEU B 462 6.45 -26.22 -25.15
C LEU B 462 6.03 -27.56 -25.76
N LYS B 463 5.70 -27.59 -27.05
CA LYS B 463 5.26 -28.81 -27.71
C LYS B 463 6.40 -29.53 -28.44
N ASP B 464 7.06 -28.83 -29.37
CA ASP B 464 8.07 -29.46 -30.22
C ASP B 464 9.23 -29.98 -29.37
N SER B 465 9.50 -31.28 -29.50
CA SER B 465 10.57 -31.88 -28.71
C SER B 465 11.93 -31.35 -29.11
N GLU B 466 12.11 -30.96 -30.38
CA GLU B 466 13.35 -30.29 -30.77
C GLU B 466 13.55 -29.00 -30.01
N THR B 467 12.45 -28.34 -29.62
CA THR B 467 12.51 -27.16 -28.76
C THR B 467 12.25 -27.49 -27.29
N SER B 468 11.64 -28.64 -27.00
CA SER B 468 11.30 -28.96 -25.61
C SER B 468 12.54 -29.18 -24.77
N GLN B 469 13.66 -29.58 -25.38
CA GLN B 469 14.92 -29.64 -24.65
C GLN B 469 15.98 -28.68 -25.16
N ARG B 470 15.85 -28.14 -26.38
CA ARG B 470 16.68 -26.99 -26.73
C ARG B 470 16.45 -25.85 -25.76
N LEU B 471 15.22 -25.68 -25.29
CA LEU B 471 14.94 -24.71 -24.25
C LEU B 471 15.45 -25.22 -22.90
N ALA B 472 15.35 -26.52 -22.66
CA ALA B 472 15.86 -27.08 -21.42
C ALA B 472 17.38 -27.02 -21.38
N ASN B 473 18.04 -27.31 -22.50
CA ASN B 473 19.49 -27.19 -22.56
C ASN B 473 19.93 -25.74 -22.35
N LEU B 474 19.21 -24.79 -22.95
CA LEU B 474 19.50 -23.38 -22.73
C LEU B 474 19.29 -23.02 -21.26
N ARG B 475 18.05 -23.20 -20.78
CA ARG B 475 17.71 -22.89 -19.39
C ARG B 475 18.72 -23.47 -18.41
N GLN B 476 19.24 -24.66 -18.72
CA GLN B 476 20.29 -25.25 -17.90
C GLN B 476 21.54 -24.36 -17.88
N ARG B 477 22.00 -23.93 -19.07
CA ARG B 477 23.18 -23.08 -19.14
C ARG B 477 22.91 -21.71 -18.57
N VAL B 478 21.65 -21.26 -18.63
CA VAL B 478 21.32 -19.93 -18.14
C VAL B 478 21.23 -19.92 -16.62
N GLU B 479 20.69 -21.00 -16.04
CA GLU B 479 20.54 -21.07 -14.59
C GLU B 479 21.89 -21.20 -13.89
N GLN B 480 22.82 -21.95 -14.47
CA GLN B 480 24.14 -22.08 -13.85
C GLN B 480 24.93 -20.78 -13.95
N PHE B 481 24.80 -20.06 -15.08
CA PHE B 481 25.48 -18.79 -15.20
C PHE B 481 24.96 -17.75 -14.22
N ALA B 482 23.66 -17.80 -13.90
CA ALA B 482 23.06 -16.82 -13.02
C ALA B 482 23.24 -17.15 -11.54
N ARG B 483 23.24 -18.44 -11.18
CA ARG B 483 23.35 -18.80 -9.77
C ARG B 483 24.68 -18.37 -9.17
N ALA B 484 25.73 -18.31 -9.99
CA ALA B 484 27.06 -18.02 -9.48
C ALA B 484 27.21 -16.59 -8.96
N PHE B 485 26.30 -15.69 -9.34
CA PHE B 485 26.38 -14.32 -8.90
C PHE B 485 25.76 -14.16 -7.51
N PRO B 486 26.19 -13.15 -6.75
CA PRO B 486 25.59 -12.91 -5.43
C PRO B 486 24.16 -12.39 -5.57
N MET B 487 23.47 -12.33 -4.43
CA MET B 487 22.09 -11.91 -4.43
C MET B 487 21.75 -11.19 -3.13
N PRO B 488 21.29 -9.95 -3.19
CA PRO B 488 20.93 -9.23 -1.96
C PRO B 488 19.76 -9.91 -1.23
N GLY B 489 19.65 -9.60 0.05
CA GLY B 489 18.58 -10.14 0.88
C GLY B 489 19.00 -11.37 1.65
N PHE B 490 18.00 -12.02 2.24
CA PHE B 490 18.24 -13.23 3.00
C PHE B 490 18.71 -14.36 2.07
N ASP B 491 19.29 -15.39 2.68
CA ASP B 491 19.83 -16.50 1.90
C ASP B 491 18.73 -17.46 1.44
N GLU B 492 17.73 -17.69 2.29
CA GLU B 492 16.73 -18.72 2.03
C GLU B 492 15.34 -18.18 1.72
N HIS B 493 15.11 -16.88 1.85
CA HIS B 493 13.81 -16.31 1.53
C HIS B 493 13.89 -14.81 1.22
C12 Y5C C . -11.89 14.40 11.24
C13 Y5C C . -10.85 14.43 10.31
C14 Y5C C . -12.05 13.30 12.06
C15 Y5C C . -9.98 13.36 10.22
C16 Y5C C . -11.18 12.22 11.96
C17 Y5C C . -12.85 15.59 11.34
C2 Y5C C . -13.84 6.50 13.81
C20 Y5C C . -9.50 7.53 11.29
C21 Y5C C . -8.61 8.72 11.66
C22 Y5C C . -9.43 9.99 11.95
C23 Y5C C . -9.17 11.08 10.91
C24 Y5C C . -10.14 12.26 11.03
C4 Y5C C . -12.51 6.75 11.93
C5 Y5C C . -10.23 6.67 14.69
C6 Y5C C . -9.35 6.83 13.63
C8 Y5C C . -11.36 6.76 12.75
C9 Y5C C . -11.53 6.63 14.11
F25 Y5C C . -10.70 15.52 9.50
N1 Y5C C . -12.78 6.50 14.61
N11 Y5C C . -15.16 6.35 14.37
N3 Y5C C . -13.71 6.62 12.49
N7 Y5C C . -10.03 6.88 12.48
O10 Y5C C . -12.42 6.88 10.54
O18 Y5C C . -12.77 16.49 10.56
O19 Y5C C . -13.86 15.63 12.39
N1 PLG D . -12.33 0.33 7.08
C2 PLG D . -12.49 0.40 8.43
C2A PLG D . -13.78 -0.01 9.08
C3 PLG D . -11.38 0.89 9.27
O3 PLG D . -11.55 0.95 10.63
C4 PLG D . -10.12 1.29 8.60
C4A PLG D . -8.90 1.81 9.35
C5 PLG D . -10.08 1.16 7.13
C6 PLG D . -11.20 0.68 6.45
C5A PLG D . -8.83 1.56 6.38
OP4 PLG D . -7.81 0.58 6.53
P PLG D . -6.28 1.06 6.49
OP1 PLG D . -5.48 -0.22 6.72
OP2 PLG D . -6.15 1.64 5.10
OP3 PLG D . -6.18 2.09 7.58
C PLG D . -9.38 2.98 12.92
O PLG D . -10.48 2.98 13.51
OXT PLG D . -8.29 2.82 13.52
CA PLG D . -9.35 3.15 11.42
N PLG D . -9.15 1.88 10.77
N1 PLG E . 5.17 5.09 -12.13
C2 PLG E . 5.96 4.43 -13.00
C2A PLG E . 6.79 5.19 -13.99
C3 PLG E . 5.98 2.94 -13.00
O3 PLG E . 6.76 2.25 -13.87
C4 PLG E . 5.14 2.25 -12.01
C4A PLG E . 5.10 0.74 -11.94
C5 PLG E . 4.33 3.10 -11.10
C6 PLG E . 4.39 4.48 -11.22
C5A PLG E . 3.43 2.47 -10.07
OP4 PLG E . 4.17 1.87 -9.01
P PLG E . 3.46 0.67 -8.19
OP1 PLG E . 4.49 0.21 -7.19
OP2 PLG E . 2.27 1.36 -7.58
OP3 PLG E . 3.11 -0.33 -9.25
C PLG E . 6.45 -1.51 -14.67
O PLG E . 6.85 -0.55 -15.36
OXT PLG E . 6.68 -2.71 -14.96
CA PLG E . 5.66 -1.20 -13.42
N PLG E . 5.53 0.22 -13.21
#